data_1MK6
# 
_entry.id   1MK6 
# 
_audit_conform.dict_name       mmcif_pdbx.dic 
_audit_conform.dict_version    5.391 
_audit_conform.dict_location   http://mmcif.pdb.org/dictionaries/ascii/mmcif_pdbx.dic 
# 
loop_
_database_2.database_id 
_database_2.database_code 
_database_2.pdbx_database_accession 
_database_2.pdbx_DOI 
PDB   1MK6         pdb_00001mk6 10.2210/pdb1mk6/pdb 
RCSB  RCSB016974   ?            ?                   
WWPDB D_1000016974 ?            ?                   
# 
loop_
_pdbx_audit_revision_history.ordinal 
_pdbx_audit_revision_history.data_content_type 
_pdbx_audit_revision_history.major_revision 
_pdbx_audit_revision_history.minor_revision 
_pdbx_audit_revision_history.revision_date 
1 'Structure model' 1 0 2002-10-16 
2 'Structure model' 1 1 2008-04-28 
3 'Structure model' 1 2 2011-07-13 
4 'Structure model' 2 0 2019-01-30 
5 'Structure model' 2 1 2024-05-01 
# 
_pdbx_audit_revision_details.ordinal             1 
_pdbx_audit_revision_details.revision_ordinal    1 
_pdbx_audit_revision_details.data_content_type   'Structure model' 
_pdbx_audit_revision_details.provider            repository 
_pdbx_audit_revision_details.type                'Initial release' 
_pdbx_audit_revision_details.description         ? 
_pdbx_audit_revision_details.details             ? 
# 
loop_
_pdbx_audit_revision_group.ordinal 
_pdbx_audit_revision_group.revision_ordinal 
_pdbx_audit_revision_group.data_content_type 
_pdbx_audit_revision_group.group 
1  2 'Structure model' 'Version format compliance' 
2  3 'Structure model' 'Version format compliance' 
3  4 'Structure model' 'Atomic model'              
4  4 'Structure model' 'Data collection'           
5  4 'Structure model' 'Database references'       
6  4 'Structure model' 'Derived calculations'      
7  4 'Structure model' 'Non-polymer description'   
8  4 'Structure model' 'Polymer sequence'          
9  4 'Structure model' 'Source and taxonomy'       
10 4 'Structure model' 'Structure summary'         
11 5 'Structure model' 'Data collection'           
12 5 'Structure model' 'Database references'       
13 5 'Structure model' 'Derived calculations'      
# 
loop_
_pdbx_audit_revision_category.ordinal 
_pdbx_audit_revision_category.revision_ordinal 
_pdbx_audit_revision_category.data_content_type 
_pdbx_audit_revision_category.category 
1  4 'Structure model' atom_site                    
2  4 'Structure model' chem_comp                    
3  4 'Structure model' entity                       
4  4 'Structure model' entity_poly                  
5  4 'Structure model' entity_poly_seq              
6  4 'Structure model' ndb_struct_conf_na           
7  4 'Structure model' ndb_struct_na_base_pair_step 
8  4 'Structure model' pdbx_entity_nonpoly          
9  4 'Structure model' pdbx_entity_src_syn          
10 4 'Structure model' pdbx_nonpoly_scheme          
11 4 'Structure model' pdbx_poly_seq_scheme         
12 4 'Structure model' pdbx_struct_assembly         
13 4 'Structure model' pdbx_struct_mod_residue      
14 4 'Structure model' pdbx_struct_oper_list        
15 4 'Structure model' pdbx_validate_rmsd_angle     
16 4 'Structure model' struct_asym                  
17 4 'Structure model' struct_conn                  
18 4 'Structure model' struct_ref                   
19 5 'Structure model' chem_comp_atom               
20 5 'Structure model' chem_comp_bond               
21 5 'Structure model' database_2                   
22 5 'Structure model' pdbx_nmr_software            
23 5 'Structure model' struct_conn                  
# 
loop_
_pdbx_audit_revision_item.ordinal 
_pdbx_audit_revision_item.revision_ordinal 
_pdbx_audit_revision_item.data_content_type 
_pdbx_audit_revision_item.item 
1  4 'Structure model' '_atom_site.Cartn_x'                        
2  4 'Structure model' '_atom_site.Cartn_y'                        
3  4 'Structure model' '_atom_site.Cartn_z'                        
4  4 'Structure model' '_atom_site.auth_asym_id'                   
5  4 'Structure model' '_atom_site.auth_atom_id'                   
6  4 'Structure model' '_atom_site.auth_comp_id'                   
7  4 'Structure model' '_atom_site.auth_seq_id'                    
8  4 'Structure model' '_atom_site.group_PDB'                      
9  4 'Structure model' '_atom_site.label_asym_id'                  
10 4 'Structure model' '_atom_site.label_atom_id'                  
11 4 'Structure model' '_atom_site.label_comp_id'                  
12 4 'Structure model' '_atom_site.label_entity_id'                
13 4 'Structure model' '_atom_site.label_seq_id'                   
14 4 'Structure model' '_atom_site.type_symbol'                    
15 4 'Structure model' '_chem_comp.formula'                        
16 4 'Structure model' '_chem_comp.formula_weight'                 
17 4 'Structure model' '_chem_comp.id'                             
18 4 'Structure model' '_chem_comp.mon_nstd_flag'                  
19 4 'Structure model' '_chem_comp.name'                           
20 4 'Structure model' '_chem_comp.type'                           
21 4 'Structure model' '_entity_poly.nstd_monomer'                 
22 4 'Structure model' '_entity_poly.pdbx_seq_one_letter_code'     
23 4 'Structure model' '_entity_poly.pdbx_seq_one_letter_code_can' 
24 4 'Structure model' '_entity_poly_seq.mon_id'                   
25 4 'Structure model' '_ndb_struct_na_base_pair_step.roll'        
26 4 'Structure model' '_pdbx_poly_seq_scheme.mon_id'              
27 4 'Structure model' '_pdbx_poly_seq_scheme.pdb_mon_id'          
28 4 'Structure model' '_struct_ref.pdbx_align_begin'              
29 5 'Structure model' '_database_2.pdbx_DOI'                      
30 5 'Structure model' '_database_2.pdbx_database_accession'       
31 5 'Structure model' '_pdbx_nmr_software.name'                   
32 5 'Structure model' '_struct_conn.pdbx_leaving_atom_flag'       
# 
_pdbx_database_status.status_code                     REL 
_pdbx_database_status.entry_id                        1MK6 
_pdbx_database_status.recvd_initial_deposition_date   2002-08-28 
_pdbx_database_status.deposit_site                    RCSB 
_pdbx_database_status.process_site                    RCSB 
_pdbx_database_status.status_code_mr                  REL 
_pdbx_database_status.SG_entry                        . 
_pdbx_database_status.pdb_format_compatible           Y 
_pdbx_database_status.status_code_sf                  ? 
_pdbx_database_status.status_code_cs                  ? 
_pdbx_database_status.methods_development_category    ? 
_pdbx_database_status.status_code_nmr_data            ? 
# 
_pdbx_database_related.db_name        PDB 
_pdbx_database_related.db_id          1MKL 
_pdbx_database_related.details        
;NMR REFINED STRUCTURE OF THE 8,9-DIHYDRO-8-(N7-GUANYL)-9-HYDROXY-AFLATOXIN B1 ADDUCT IN A 5'-CPAFBG-3' SEQUENCE
;
_pdbx_database_related.content_type   unspecified 
# 
loop_
_audit_author.name 
_audit_author.pdbx_ordinal 
'Giri, I.'       1 
'Johnston, D.S.' 2 
'Stone, M.P.'    3 
# 
_citation.id                        primary 
_citation.title                     
;MISPAIRING OF THE 8,9-DIHYDRO-8-(N7-GUANYL)-9-HYDROXY-AFLATOXIN B1 ADDUCT WITH DEOXYADENOSINE RESULTS IN EXTRUSION OF THE MISMATCHED DA TOWARD THE MAJOR GROOVE
;
_citation.journal_abbrev            Biochemistry 
_citation.journal_volume            41 
_citation.page_first                5462 
_citation.page_last                 5472 
_citation.year                      2002 
_citation.journal_id_ASTM           BICHAW 
_citation.country                   US 
_citation.journal_id_ISSN           0006-2960 
_citation.journal_id_CSD            0033 
_citation.book_publisher            ? 
_citation.pdbx_database_id_PubMed   11969407 
_citation.pdbx_database_id_DOI      10.1021/bi012116t 
# 
loop_
_citation_author.citation_id 
_citation_author.name 
_citation_author.ordinal 
_citation_author.identifier_ORCID 
primary 'Giri, I.'       1 ? 
primary 'Johnston, D.S.' 2 ? 
primary 'Stone, M.P.'    3 ? 
# 
loop_
_entity.id 
_entity.type 
_entity.src_method 
_entity.pdbx_description 
_entity.formula_weight 
_entity.pdbx_number_of_molecules 
_entity.pdbx_ec 
_entity.pdbx_mutation 
_entity.pdbx_fragment 
_entity.details 
1 polymer     syn "5'-D(*AP*CP*AP*TP*CP*GP*AP*TP*CP*T)-3'" 3003.993 1 ? ? ? ? 
2 polymer     syn "5'-D(*AP*GP*AP*TP*AP*GP*AP*TP*GP*T)-3'" 3108.065 1 ? ? ? ? 
3 non-polymer syn '8,9-DIHYDRO-9-HYDROXY-AFLATOXIN B1'     330.289  1 ? ? ? ? 
# 
loop_
_entity_poly.entity_id 
_entity_poly.type 
_entity_poly.nstd_linkage 
_entity_poly.nstd_monomer 
_entity_poly.pdbx_seq_one_letter_code 
_entity_poly.pdbx_seq_one_letter_code_can 
_entity_poly.pdbx_strand_id 
_entity_poly.pdbx_target_identifier 
1 polydeoxyribonucleotide no no '(DA)(DC)(DA)(DT)(DC)(DG)(DA)(DT)(DC)(DT)' ACATCGATCT A ? 
2 polydeoxyribonucleotide no no '(DA)(DG)(DA)(DT)(DA)(DG)(DA)(DT)(DG)(DT)' AGATAGATGT B ? 
# 
_pdbx_entity_nonpoly.entity_id   3 
_pdbx_entity_nonpoly.name        '8,9-DIHYDRO-9-HYDROXY-AFLATOXIN B1' 
_pdbx_entity_nonpoly.comp_id     AFN 
# 
loop_
_entity_poly_seq.entity_id 
_entity_poly_seq.num 
_entity_poly_seq.mon_id 
_entity_poly_seq.hetero 
1 1  DA n 
1 2  DC n 
1 3  DA n 
1 4  DT n 
1 5  DC n 
1 6  DG n 
1 7  DA n 
1 8  DT n 
1 9  DC n 
1 10 DT n 
2 1  DA n 
2 2  DG n 
2 3  DA n 
2 4  DT n 
2 5  DA n 
2 6  DG n 
2 7  DA n 
2 8  DT n 
2 9  DG n 
2 10 DT n 
# 
loop_
_pdbx_entity_src_syn.entity_id 
_pdbx_entity_src_syn.pdbx_src_id 
_pdbx_entity_src_syn.pdbx_alt_source_flag 
_pdbx_entity_src_syn.pdbx_beg_seq_num 
_pdbx_entity_src_syn.pdbx_end_seq_num 
_pdbx_entity_src_syn.organism_scientific 
_pdbx_entity_src_syn.organism_common_name 
_pdbx_entity_src_syn.ncbi_taxonomy_id 
_pdbx_entity_src_syn.details 
1 1 sample 1 10 'synthetic construct' ? 32630 ? 
2 1 sample 1 10 'synthetic construct' ? 32630 ? 
# 
loop_
_chem_comp.id 
_chem_comp.type 
_chem_comp.mon_nstd_flag 
_chem_comp.name 
_chem_comp.pdbx_synonyms 
_chem_comp.formula 
_chem_comp.formula_weight 
AFN non-polymer   . '8,9-DIHYDRO-9-HYDROXY-AFLATOXIN B1' ? 'C17 H14 O7'      330.289 
DA  'DNA linking' y "2'-DEOXYADENOSINE-5'-MONOPHOSPHATE" ? 'C10 H14 N5 O6 P' 331.222 
DC  'DNA linking' y "2'-DEOXYCYTIDINE-5'-MONOPHOSPHATE"  ? 'C9 H14 N3 O7 P'  307.197 
DG  'DNA linking' y "2'-DEOXYGUANOSINE-5'-MONOPHOSPHATE" ? 'C10 H14 N5 O7 P' 347.221 
DT  'DNA linking' y "THYMIDINE-5'-MONOPHOSPHATE"         ? 'C10 H15 N2 O8 P' 322.208 
# 
loop_
_pdbx_poly_seq_scheme.asym_id 
_pdbx_poly_seq_scheme.entity_id 
_pdbx_poly_seq_scheme.seq_id 
_pdbx_poly_seq_scheme.mon_id 
_pdbx_poly_seq_scheme.ndb_seq_num 
_pdbx_poly_seq_scheme.pdb_seq_num 
_pdbx_poly_seq_scheme.auth_seq_num 
_pdbx_poly_seq_scheme.pdb_mon_id 
_pdbx_poly_seq_scheme.auth_mon_id 
_pdbx_poly_seq_scheme.pdb_strand_id 
_pdbx_poly_seq_scheme.pdb_ins_code 
_pdbx_poly_seq_scheme.hetero 
A 1 1  DA 1  1  1  DA A A . n 
A 1 2  DC 2  2  2  DC C A . n 
A 1 3  DA 3  3  3  DA A A . n 
A 1 4  DT 4  4  4  DT T A . n 
A 1 5  DC 5  5  5  DC C A . n 
A 1 6  DG 6  6  6  DG X A . n 
A 1 7  DA 7  7  7  DA A A . n 
A 1 8  DT 8  8  8  DT T A . n 
A 1 9  DC 9  9  9  DC C A . n 
A 1 10 DT 10 10 10 DT T A . n 
B 2 1  DA 1  11 11 DA A B . n 
B 2 2  DG 2  12 12 DG G B . n 
B 2 3  DA 3  13 13 DA A B . n 
B 2 4  DT 4  14 14 DT T B . n 
B 2 5  DA 5  15 15 DA A B . n 
B 2 6  DG 6  16 16 DG G B . n 
B 2 7  DA 7  17 17 DA A B . n 
B 2 8  DT 8  18 18 DT T B . n 
B 2 9  DG 9  19 19 DG G B . n 
B 2 10 DT 10 20 20 DT T B . n 
# 
_pdbx_nonpoly_scheme.asym_id         C 
_pdbx_nonpoly_scheme.entity_id       3 
_pdbx_nonpoly_scheme.mon_id          AFN 
_pdbx_nonpoly_scheme.ndb_seq_num     1 
_pdbx_nonpoly_scheme.pdb_seq_num     11 
_pdbx_nonpoly_scheme.auth_seq_num    6 
_pdbx_nonpoly_scheme.pdb_mon_id      AFN 
_pdbx_nonpoly_scheme.auth_mon_id     X 
_pdbx_nonpoly_scheme.pdb_strand_id   A 
_pdbx_nonpoly_scheme.pdb_ins_code    . 
# 
_exptl.entry_id          1MK6 
_exptl.method            'SOLUTION NMR' 
_exptl.crystals_number   ? 
# 
_exptl_crystal.id                    1 
_exptl_crystal.density_meas          ? 
_exptl_crystal.density_Matthews      ? 
_exptl_crystal.density_percent_sol   ? 
_exptl_crystal.description           ? 
# 
_diffrn.id                     1 
_diffrn.crystal_id             1 
_diffrn.ambient_temp           ? 
_diffrn.ambient_temp_details   ? 
# 
_diffrn_radiation.diffrn_id                        1 
_diffrn_radiation.wavelength_id                    1 
_diffrn_radiation.pdbx_monochromatic_or_laue_m_l   M 
_diffrn_radiation.monochromator                    ? 
_diffrn_radiation.pdbx_diffrn_protocol             'SINGLE WAVELENGTH' 
_diffrn_radiation.pdbx_scattering_type             ? 
# 
_diffrn_radiation_wavelength.id           1 
_diffrn_radiation_wavelength.wavelength   . 
_diffrn_radiation_wavelength.wt           1.0 
# 
_struct.entry_id                  1MK6 
_struct.title                     
'SOLUTION STRUCTURE OF THE 8,9-DIHYDRO-8-(N7-GUANYL)-9-HYDROXY-AFLATOXIN B1 ADDUCT MISPAIRED WITH DEOXYADENOSINE' 
_struct.pdbx_model_details        ? 
_struct.pdbx_CASP_flag            ? 
_struct.pdbx_model_type_details   ? 
# 
_struct_keywords.entry_id        1MK6 
_struct_keywords.pdbx_keywords   DNA 
_struct_keywords.text            'AFLATOXIN B1- Guanine Adduct Opposite an Adenine, mimicking GA Transition, DNA' 
# 
loop_
_struct_asym.id 
_struct_asym.pdbx_blank_PDB_chainid_flag 
_struct_asym.pdbx_modified 
_struct_asym.entity_id 
_struct_asym.details 
A N N 1 ? 
B N N 2 ? 
C N N 3 ? 
# 
loop_
_struct_ref.id 
_struct_ref.db_name 
_struct_ref.db_code 
_struct_ref.pdbx_db_accession 
_struct_ref.pdbx_db_isoform 
_struct_ref.entity_id 
_struct_ref.pdbx_seq_one_letter_code 
_struct_ref.pdbx_align_begin 
1 PDB 1MK6 1MK6 ? 1 ? 1 
2 PDB 1MK6 1MK6 ? 2 ? 1 
# 
loop_
_struct_ref_seq.align_id 
_struct_ref_seq.ref_id 
_struct_ref_seq.pdbx_PDB_id_code 
_struct_ref_seq.pdbx_strand_id 
_struct_ref_seq.seq_align_beg 
_struct_ref_seq.pdbx_seq_align_beg_ins_code 
_struct_ref_seq.seq_align_end 
_struct_ref_seq.pdbx_seq_align_end_ins_code 
_struct_ref_seq.pdbx_db_accession 
_struct_ref_seq.db_align_beg 
_struct_ref_seq.pdbx_db_align_beg_ins_code 
_struct_ref_seq.db_align_end 
_struct_ref_seq.pdbx_db_align_end_ins_code 
_struct_ref_seq.pdbx_auth_seq_align_beg 
_struct_ref_seq.pdbx_auth_seq_align_end 
1 1 1MK6 A 1 ? 10 ? 1MK6 1  ? 10 ? 1  10 
2 2 1MK6 B 1 ? 10 ? 1MK6 11 ? 20 ? 11 20 
# 
_pdbx_struct_assembly.id                   1 
_pdbx_struct_assembly.details              author_defined_assembly 
_pdbx_struct_assembly.method_details       ? 
_pdbx_struct_assembly.oligomeric_details   dimeric 
_pdbx_struct_assembly.oligomeric_count     2 
# 
_pdbx_struct_assembly_gen.assembly_id       1 
_pdbx_struct_assembly_gen.oper_expression   1 
_pdbx_struct_assembly_gen.asym_id_list      A,B,C 
# 
_pdbx_struct_oper_list.id                   1 
_pdbx_struct_oper_list.type                 'identity operation' 
_pdbx_struct_oper_list.name                 1_555 
_pdbx_struct_oper_list.symmetry_operation   ? 
_pdbx_struct_oper_list.matrix[1][1]         1.0000000000 
_pdbx_struct_oper_list.matrix[1][2]         0.0000000000 
_pdbx_struct_oper_list.matrix[1][3]         0.0000000000 
_pdbx_struct_oper_list.vector[1]            0.0000000000 
_pdbx_struct_oper_list.matrix[2][1]         0.0000000000 
_pdbx_struct_oper_list.matrix[2][2]         1.0000000000 
_pdbx_struct_oper_list.matrix[2][3]         0.0000000000 
_pdbx_struct_oper_list.vector[2]            0.0000000000 
_pdbx_struct_oper_list.matrix[3][1]         0.0000000000 
_pdbx_struct_oper_list.matrix[3][2]         0.0000000000 
_pdbx_struct_oper_list.matrix[3][3]         1.0000000000 
_pdbx_struct_oper_list.vector[3]            0.0000000000 
# 
loop_
_struct_conn.id 
_struct_conn.conn_type_id 
_struct_conn.pdbx_leaving_atom_flag 
_struct_conn.pdbx_PDB_id 
_struct_conn.ptnr1_label_asym_id 
_struct_conn.ptnr1_label_comp_id 
_struct_conn.ptnr1_label_seq_id 
_struct_conn.ptnr1_label_atom_id 
_struct_conn.pdbx_ptnr1_label_alt_id 
_struct_conn.pdbx_ptnr1_PDB_ins_code 
_struct_conn.pdbx_ptnr1_standard_comp_id 
_struct_conn.ptnr1_symmetry 
_struct_conn.ptnr2_label_asym_id 
_struct_conn.ptnr2_label_comp_id 
_struct_conn.ptnr2_label_seq_id 
_struct_conn.ptnr2_label_atom_id 
_struct_conn.pdbx_ptnr2_label_alt_id 
_struct_conn.pdbx_ptnr2_PDB_ins_code 
_struct_conn.ptnr1_auth_asym_id 
_struct_conn.ptnr1_auth_comp_id 
_struct_conn.ptnr1_auth_seq_id 
_struct_conn.ptnr2_auth_asym_id 
_struct_conn.ptnr2_auth_comp_id 
_struct_conn.ptnr2_auth_seq_id 
_struct_conn.ptnr2_symmetry 
_struct_conn.pdbx_ptnr3_label_atom_id 
_struct_conn.pdbx_ptnr3_label_seq_id 
_struct_conn.pdbx_ptnr3_label_comp_id 
_struct_conn.pdbx_ptnr3_label_asym_id 
_struct_conn.pdbx_ptnr3_label_alt_id 
_struct_conn.pdbx_ptnr3_PDB_ins_code 
_struct_conn.details 
_struct_conn.pdbx_dist_value 
_struct_conn.pdbx_value_order 
_struct_conn.pdbx_role 
covale1  covale none ? A DG 6  N7 ? ? ? 1_555 C AFN .  C8A ? ? A DG 6  A AFN 11 1_555 ? ? ? ? ? ? ?            1.507 sing ? 
hydrog1  hydrog ?    ? A DA 1  N1 ? ? ? 1_555 B DT  10 N3  ? ? A DA 1  B DT  20 1_555 ? ? ? ? ? ? WATSON-CRICK ?     ?    ? 
hydrog2  hydrog ?    ? A DA 1  N6 ? ? ? 1_555 B DT  10 O4  ? ? A DA 1  B DT  20 1_555 ? ? ? ? ? ? WATSON-CRICK ?     ?    ? 
hydrog3  hydrog ?    ? A DC 2  N3 ? ? ? 1_555 B DG  9  N1  ? ? A DC 2  B DG  19 1_555 ? ? ? ? ? ? WATSON-CRICK ?     ?    ? 
hydrog4  hydrog ?    ? A DC 2  N4 ? ? ? 1_555 B DG  9  O6  ? ? A DC 2  B DG  19 1_555 ? ? ? ? ? ? WATSON-CRICK ?     ?    ? 
hydrog5  hydrog ?    ? A DC 2  O2 ? ? ? 1_555 B DG  9  N2  ? ? A DC 2  B DG  19 1_555 ? ? ? ? ? ? WATSON-CRICK ?     ?    ? 
hydrog6  hydrog ?    ? A DA 3  N1 ? ? ? 1_555 B DT  8  N3  ? ? A DA 3  B DT  18 1_555 ? ? ? ? ? ? WATSON-CRICK ?     ?    ? 
hydrog7  hydrog ?    ? A DA 3  N6 ? ? ? 1_555 B DT  8  O4  ? ? A DA 3  B DT  18 1_555 ? ? ? ? ? ? WATSON-CRICK ?     ?    ? 
hydrog8  hydrog ?    ? A DT 4  N3 ? ? ? 1_555 B DA  7  N1  ? ? A DT 4  B DA  17 1_555 ? ? ? ? ? ? WATSON-CRICK ?     ?    ? 
hydrog9  hydrog ?    ? A DT 4  O4 ? ? ? 1_555 B DA  7  N6  ? ? A DT 4  B DA  17 1_555 ? ? ? ? ? ? WATSON-CRICK ?     ?    ? 
hydrog10 hydrog ?    ? A DC 5  N3 ? ? ? 1_555 B DG  6  N1  ? ? A DC 5  B DG  16 1_555 ? ? ? ? ? ? WATSON-CRICK ?     ?    ? 
hydrog11 hydrog ?    ? A DC 5  N4 ? ? ? 1_555 B DG  6  O6  ? ? A DC 5  B DG  16 1_555 ? ? ? ? ? ? WATSON-CRICK ?     ?    ? 
hydrog12 hydrog ?    ? A DC 5  O2 ? ? ? 1_555 B DG  6  N2  ? ? A DC 5  B DG  16 1_555 ? ? ? ? ? ? WATSON-CRICK ?     ?    ? 
hydrog13 hydrog ?    ? A DA 7  N1 ? ? ? 1_555 B DT  4  N3  ? ? A DA 7  B DT  14 1_555 ? ? ? ? ? ? WATSON-CRICK ?     ?    ? 
hydrog14 hydrog ?    ? A DA 7  N6 ? ? ? 1_555 B DT  4  O4  ? ? A DA 7  B DT  14 1_555 ? ? ? ? ? ? WATSON-CRICK ?     ?    ? 
hydrog15 hydrog ?    ? A DT 8  N3 ? ? ? 1_555 B DA  3  N1  ? ? A DT 8  B DA  13 1_555 ? ? ? ? ? ? WATSON-CRICK ?     ?    ? 
hydrog16 hydrog ?    ? A DT 8  O4 ? ? ? 1_555 B DA  3  N6  ? ? A DT 8  B DA  13 1_555 ? ? ? ? ? ? WATSON-CRICK ?     ?    ? 
hydrog17 hydrog ?    ? A DC 9  N3 ? ? ? 1_555 B DG  2  N1  ? ? A DC 9  B DG  12 1_555 ? ? ? ? ? ? WATSON-CRICK ?     ?    ? 
hydrog18 hydrog ?    ? A DC 9  N4 ? ? ? 1_555 B DG  2  O6  ? ? A DC 9  B DG  12 1_555 ? ? ? ? ? ? WATSON-CRICK ?     ?    ? 
hydrog19 hydrog ?    ? A DC 9  O2 ? ? ? 1_555 B DG  2  N2  ? ? A DC 9  B DG  12 1_555 ? ? ? ? ? ? WATSON-CRICK ?     ?    ? 
hydrog20 hydrog ?    ? A DT 10 N3 ? ? ? 1_555 B DA  1  N1  ? ? A DT 10 B DA  11 1_555 ? ? ? ? ? ? WATSON-CRICK ?     ?    ? 
hydrog21 hydrog ?    ? A DT 10 O4 ? ? ? 1_555 B DA  1  N6  ? ? A DT 10 B DA  11 1_555 ? ? ? ? ? ? WATSON-CRICK ?     ?    ? 
# 
loop_
_struct_conn_type.id 
_struct_conn_type.criteria 
_struct_conn_type.reference 
covale ? ? 
hydrog ? ? 
# 
loop_
_pdbx_validate_rmsd_angle.id 
_pdbx_validate_rmsd_angle.PDB_model_num 
_pdbx_validate_rmsd_angle.auth_atom_id_1 
_pdbx_validate_rmsd_angle.auth_asym_id_1 
_pdbx_validate_rmsd_angle.auth_comp_id_1 
_pdbx_validate_rmsd_angle.auth_seq_id_1 
_pdbx_validate_rmsd_angle.PDB_ins_code_1 
_pdbx_validate_rmsd_angle.label_alt_id_1 
_pdbx_validate_rmsd_angle.auth_atom_id_2 
_pdbx_validate_rmsd_angle.auth_asym_id_2 
_pdbx_validate_rmsd_angle.auth_comp_id_2 
_pdbx_validate_rmsd_angle.auth_seq_id_2 
_pdbx_validate_rmsd_angle.PDB_ins_code_2 
_pdbx_validate_rmsd_angle.label_alt_id_2 
_pdbx_validate_rmsd_angle.auth_atom_id_3 
_pdbx_validate_rmsd_angle.auth_asym_id_3 
_pdbx_validate_rmsd_angle.auth_comp_id_3 
_pdbx_validate_rmsd_angle.auth_seq_id_3 
_pdbx_validate_rmsd_angle.PDB_ins_code_3 
_pdbx_validate_rmsd_angle.label_alt_id_3 
_pdbx_validate_rmsd_angle.angle_value 
_pdbx_validate_rmsd_angle.angle_target_value 
_pdbx_validate_rmsd_angle.angle_deviation 
_pdbx_validate_rmsd_angle.angle_standard_deviation 
_pdbx_validate_rmsd_angle.linker_flag 
1  1 N1    A DA 1  ? ? C6    A DA 1  ? ? N6 A DA 1  ? ? 114.36 118.60 -4.24 0.60 N 
2  1 "O4'" A DC 2  ? ? "C1'" A DC 2  ? ? N1 A DC 2  ? ? 110.15 108.30 1.85  0.30 N 
3  1 C5    A DA 3  ? ? C6    A DA 3  ? ? N1 A DA 3  ? ? 120.71 117.70 3.01  0.50 N 
4  1 N1    A DA 3  ? ? C6    A DA 3  ? ? N6 A DA 3  ? ? 114.16 118.60 -4.44 0.60 N 
5  1 C6    A DT 4  ? ? C5    A DT 4  ? ? C7 A DT 4  ? ? 118.34 122.90 -4.56 0.60 N 
6  1 "O4'" A DG 6  ? ? "C1'" A DG 6  ? ? N9 A DG 6  ? ? 111.62 108.30 3.32  0.30 N 
7  1 N1    A DA 7  ? ? C6    A DA 7  ? ? N6 A DA 7  ? ? 114.40 118.60 -4.20 0.60 N 
8  1 C6    A DT 8  ? ? C5    A DT 8  ? ? C7 A DT 8  ? ? 118.02 122.90 -4.88 0.60 N 
9  1 N1    A DC 9  ? ? C2    A DC 9  ? ? O2 A DC 9  ? ? 122.78 118.90 3.88  0.60 N 
10 1 N3    A DC 9  ? ? C2    A DC 9  ? ? O2 A DC 9  ? ? 117.41 121.90 -4.49 0.70 N 
11 1 "O4'" A DT 10 ? ? "C1'" A DT 10 ? ? N1 A DT 10 ? ? 111.99 108.30 3.69  0.30 N 
12 1 C6    A DT 10 ? ? C5    A DT 10 ? ? C7 A DT 10 ? ? 118.91 122.90 -3.99 0.60 N 
13 1 N1    B DA 11 ? ? C6    B DA 11 ? ? N6 B DA 11 ? ? 114.23 118.60 -4.37 0.60 N 
14 1 "O4'" B DG 12 ? ? "C1'" B DG 12 ? ? N9 B DG 12 ? ? 110.78 108.30 2.48  0.30 N 
15 1 "O4'" B DT 14 ? ? "C1'" B DT 14 ? ? N1 B DT 14 ? ? 112.16 108.30 3.86  0.30 N 
16 1 C6    B DT 14 ? ? C5    B DT 14 ? ? C7 B DT 14 ? ? 118.29 122.90 -4.61 0.60 N 
17 1 "O4'" B DA 15 ? ? "C1'" B DA 15 ? ? N9 B DA 15 ? ? 111.69 108.30 3.39  0.30 N 
18 1 C5    B DA 15 ? ? C6    B DA 15 ? ? N1 B DA 15 ? ? 120.85 117.70 3.15  0.50 N 
19 1 N1    B DA 15 ? ? C6    B DA 15 ? ? N6 B DA 15 ? ? 114.43 118.60 -4.17 0.60 N 
20 1 "O4'" B DT 20 ? ? "C1'" B DT 20 ? ? N1 B DT 20 ? ? 110.90 108.30 2.60  0.30 N 
21 1 C6    B DT 20 ? ? C5    B DT 20 ? ? C7 B DT 20 ? ? 119.16 122.90 -3.74 0.60 N 
# 
_pdbx_validate_planes.id              1 
_pdbx_validate_planes.PDB_model_num   1 
_pdbx_validate_planes.auth_comp_id    DA 
_pdbx_validate_planes.auth_asym_id    B 
_pdbx_validate_planes.auth_seq_id     15 
_pdbx_validate_planes.PDB_ins_code    ? 
_pdbx_validate_planes.label_alt_id    ? 
_pdbx_validate_planes.rmsd            0.102 
_pdbx_validate_planes.type            'SIDE CHAIN' 
# 
_pdbx_nmr_ensemble.entry_id                                      1MK6 
_pdbx_nmr_ensemble.conformers_calculated_total_number            20 
_pdbx_nmr_ensemble.conformers_submitted_total_number             1 
_pdbx_nmr_ensemble.conformer_selection_criteria                  
;Final Calculated Structure is Being Submitted. Back Calculated Structure is in Agreement with NOESY data. The calculation was performed in Presence of solvent and counterions. Solvent, and Counterion co-ordinates are NOT being reported, only the Duplex DNA. Before Solvating and Addition of Counter IONS, 20 final structures were calculated using XPLOR. The final averaged energy minimized structure was solvated, and the counter Ions were added to it. Then MD was ran for 1.4 ns time scale to obtain final structure.
;
_pdbx_nmr_ensemble.average_constraints_per_residue               ? 
_pdbx_nmr_ensemble.average_constraint_violations_per_residue     ? 
_pdbx_nmr_ensemble.maximum_distance_constraint_violation         ? 
_pdbx_nmr_ensemble.average_distance_constraint_violation         ? 
_pdbx_nmr_ensemble.maximum_upper_distance_constraint_violation   ? 
_pdbx_nmr_ensemble.maximum_lower_distance_constraint_violation   ? 
_pdbx_nmr_ensemble.distance_constraint_violation_method          ? 
_pdbx_nmr_ensemble.maximum_torsion_angle_constraint_violation    ? 
_pdbx_nmr_ensemble.average_torsion_angle_constraint_violation    ? 
_pdbx_nmr_ensemble.torsion_angle_constraint_violation_method     ? 
# 
_pdbx_nmr_representative.entry_id             1MK6 
_pdbx_nmr_representative.conformer_id         1 
_pdbx_nmr_representative.selection_criteria   ? 
# 
_pdbx_nmr_sample_details.solution_id      1 
_pdbx_nmr_sample_details.contents         '80 OD of d(ACATCAFBGATCT)d(AGATAGATGT) solution in NMR Buffer' 
_pdbx_nmr_sample_details.solvent_system   
;For observation of nonexchangeable protons, the sample was dissolved in 0.5 mL of 0.01 M sodium phosphate containing 0.1 M NaCl and 0.05 mM Na2EDTA at pD 7.4. The sample was dissolved in 99.96% D2O. For observation of exchangeable protons, the sample was dissolved in 9:1 H2O:D2O. Most experiments were performed at 5 C. Spectra of exchangeable protons were obtained at 0 C.
;
# 
loop_
_pdbx_nmr_exptl_sample_conditions.conditions_id 
_pdbx_nmr_exptl_sample_conditions.temperature 
_pdbx_nmr_exptl_sample_conditions.pressure 
_pdbx_nmr_exptl_sample_conditions.pH 
_pdbx_nmr_exptl_sample_conditions.ionic_strength 
_pdbx_nmr_exptl_sample_conditions.pressure_units 
_pdbx_nmr_exptl_sample_conditions.temperature_units 
1 278 ATM 7.4 
'0.5 mL of 0.01 M sodium phosphate containing 0.1 M NaCl and 0.05 mM Na2EDTA at pD 7.4. The sample was dissolved in 99.96% D2O' ? 
K 
2 273 ATM 7.4 
;For observation of exchangeable protons, the sample was dissolved in 9:1 H2O:D2O, buffer, containing 0.01 M sodium phosphate containing 0.1 M NaCl and 0.05 mM Na2EDTA at pH 7.4
;
? K 
# 
loop_
_pdbx_nmr_exptl.experiment_id 
_pdbx_nmr_exptl.solution_id 
_pdbx_nmr_exptl.conditions_id 
_pdbx_nmr_exptl.type 
1 1 1 '2D NOESY' 
2 1 1 '2D TOCSY' 
3 1 1 DQF-COSY   
4 1 1 P-COSY     
5 1 1 T1         
# 
_pdbx_nmr_details.entry_id   1MK6 
_pdbx_nmr_details.text       
;40 Structures were calculated starting from B and A form DNA. 20 closely convergent  from both was averaged, and RMSD value was checked. The final averaged structure was calculated by averaging Final A and Final B, and after energy Minimization. This energy minimized structure was solvated, and explicit counterions were added. In all, 17 Na+ ions were added to neutralize the system using the Leap module in AMBER 6.0. The SHAKE algorithm constrained bonds involving protons to a tolerance of 0.0005 . A 1 fs time step was used. The rMD calculations were run for 1.4 ns, and coordinates were captured every 200 ps. The emergent structure from AMBER is Being reported
;
# 
_pdbx_nmr_refine.entry_id           1MK6 
_pdbx_nmr_refine.method             
;distance geometry : MardiGras;
simulated annealing molecular dynamics  : XPLOR;
Average structure Calculation Addition of Solvent, and Counterions : AMBER;
simulated annealing and Molecular Dynamics matrix relaxation : CORMA;
;
_pdbx_nmr_refine.details            
;There were 329 experimental distance restraints derived from nonexchangeable 1H NOEs by MARDIGRAS. These consisted of 181 intranucleotide restraints, 110 internucleotide restraints, and 38 adduct-DNA restraints
;
_pdbx_nmr_refine.software_ordinal   1 
# 
loop_
_pdbx_nmr_software.name 
_pdbx_nmr_software.version 
_pdbx_nmr_software.classification 
_pdbx_nmr_software.authors 
_pdbx_nmr_software.ordinal 
Felix         '97, 2000' processing           'Accelyris, Inc., San Diego, CA' 1 
XwinNMR       4.0        collection           Bruker 2 
MARDIGRAS     3.2        'data analysis'      'Borgias, B. A., and James, T. L. (1990) J. Magn. Reson. 87, 475-487' 3 
X-PLOR        3.1        refinement           A.T.Brunger 4 
Amber         6.0        'structure solution' 
'Bayly, C. I., Cieplak, P., Cornell, W. D., and Kollman, P. A. (1993) J. Phys. Chem. 40, 10269-10280' 5 
CORMA         4.0        'data analysis'      'Keepers, J. W., and James, T. L. (1984) J. Magn. Reson. 57, 404-426.' 6 
'Insight II'  2000       'structure solution' 'Accelyris, Inc., San Diego, CA' 7 
'GAUSSIAN 98' 1998       processing           
'Frisch, M. J., Trucks, G. W., et al. (1998) Gaussian 98, Gaussian Inc., Pittsburgh, PA.'             8 
# 
loop_
_chem_comp_atom.comp_id 
_chem_comp_atom.atom_id 
_chem_comp_atom.type_symbol 
_chem_comp_atom.pdbx_aromatic_flag 
_chem_comp_atom.pdbx_stereo_config 
_chem_comp_atom.pdbx_ordinal 
AFN C8A    C N N 1   
AFN C9     C N R 2   
AFN O9     O N N 3   
AFN C9A    C N R 4   
AFN C9B    C Y N 5   
AFN O7     O N N 6   
AFN C6A    C N R 7   
AFN O6A    O N N 8   
AFN C5A    C Y N 9   
AFN C5B    C Y N 10  
AFN C4B    C Y N 11  
AFN O4     O N N 12  
AFN CM     C N N 13  
AFN C4A    C Y N 14  
AFN C10    C Y N 15  
AFN O10    O Y N 16  
AFN C11    C Y N 17  
AFN O11    O N N 18  
AFN C12    C Y N 19  
AFN C3A    C Y N 20  
AFN C3     C N N 21  
AFN C2A    C N N 22  
AFN C1     C N N 23  
AFN O1     O N N 24  
AFN H8A2   H N N 25  
AFN H8A    H N N 26  
AFN H9     H N N 27  
AFN HO9    H N N 28  
AFN H9A    H N N 29  
AFN H6A    H N N 30  
AFN H5B    H N N 31  
AFN HM1    H N N 32  
AFN HM2    H N N 33  
AFN HM3    H N N 34  
AFN H31    H N N 35  
AFN H32    H N N 36  
AFN H2A1   H N N 37  
AFN H2A2   H N N 38  
DA  OP3    O N N 39  
DA  P      P N N 40  
DA  OP1    O N N 41  
DA  OP2    O N N 42  
DA  "O5'"  O N N 43  
DA  "C5'"  C N N 44  
DA  "C4'"  C N R 45  
DA  "O4'"  O N N 46  
DA  "C3'"  C N S 47  
DA  "O3'"  O N N 48  
DA  "C2'"  C N N 49  
DA  "C1'"  C N R 50  
DA  N9     N Y N 51  
DA  C8     C Y N 52  
DA  N7     N Y N 53  
DA  C5     C Y N 54  
DA  C6     C Y N 55  
DA  N6     N N N 56  
DA  N1     N Y N 57  
DA  C2     C Y N 58  
DA  N3     N Y N 59  
DA  C4     C Y N 60  
DA  HOP3   H N N 61  
DA  HOP2   H N N 62  
DA  "H5'"  H N N 63  
DA  "H5''" H N N 64  
DA  "H4'"  H N N 65  
DA  "H3'"  H N N 66  
DA  "HO3'" H N N 67  
DA  "H2'"  H N N 68  
DA  "H2''" H N N 69  
DA  "H1'"  H N N 70  
DA  H8     H N N 71  
DA  H61    H N N 72  
DA  H62    H N N 73  
DA  H2     H N N 74  
DC  OP3    O N N 75  
DC  P      P N N 76  
DC  OP1    O N N 77  
DC  OP2    O N N 78  
DC  "O5'"  O N N 79  
DC  "C5'"  C N N 80  
DC  "C4'"  C N R 81  
DC  "O4'"  O N N 82  
DC  "C3'"  C N S 83  
DC  "O3'"  O N N 84  
DC  "C2'"  C N N 85  
DC  "C1'"  C N R 86  
DC  N1     N N N 87  
DC  C2     C N N 88  
DC  O2     O N N 89  
DC  N3     N N N 90  
DC  C4     C N N 91  
DC  N4     N N N 92  
DC  C5     C N N 93  
DC  C6     C N N 94  
DC  HOP3   H N N 95  
DC  HOP2   H N N 96  
DC  "H5'"  H N N 97  
DC  "H5''" H N N 98  
DC  "H4'"  H N N 99  
DC  "H3'"  H N N 100 
DC  "HO3'" H N N 101 
DC  "H2'"  H N N 102 
DC  "H2''" H N N 103 
DC  "H1'"  H N N 104 
DC  H41    H N N 105 
DC  H42    H N N 106 
DC  H5     H N N 107 
DC  H6     H N N 108 
DG  OP3    O N N 109 
DG  P      P N N 110 
DG  OP1    O N N 111 
DG  OP2    O N N 112 
DG  "O5'"  O N N 113 
DG  "C5'"  C N N 114 
DG  "C4'"  C N R 115 
DG  "O4'"  O N N 116 
DG  "C3'"  C N S 117 
DG  "O3'"  O N N 118 
DG  "C2'"  C N N 119 
DG  "C1'"  C N R 120 
DG  N9     N Y N 121 
DG  C8     C Y N 122 
DG  N7     N Y N 123 
DG  C5     C Y N 124 
DG  C6     C N N 125 
DG  O6     O N N 126 
DG  N1     N N N 127 
DG  C2     C N N 128 
DG  N2     N N N 129 
DG  N3     N N N 130 
DG  C4     C Y N 131 
DG  HOP3   H N N 132 
DG  HOP2   H N N 133 
DG  "H5'"  H N N 134 
DG  "H5''" H N N 135 
DG  "H4'"  H N N 136 
DG  "H3'"  H N N 137 
DG  "HO3'" H N N 138 
DG  "H2'"  H N N 139 
DG  "H2''" H N N 140 
DG  "H1'"  H N N 141 
DG  H8     H N N 142 
DG  H1     H N N 143 
DG  H21    H N N 144 
DG  H22    H N N 145 
DT  OP3    O N N 146 
DT  P      P N N 147 
DT  OP1    O N N 148 
DT  OP2    O N N 149 
DT  "O5'"  O N N 150 
DT  "C5'"  C N N 151 
DT  "C4'"  C N R 152 
DT  "O4'"  O N N 153 
DT  "C3'"  C N S 154 
DT  "O3'"  O N N 155 
DT  "C2'"  C N N 156 
DT  "C1'"  C N R 157 
DT  N1     N N N 158 
DT  C2     C N N 159 
DT  O2     O N N 160 
DT  N3     N N N 161 
DT  C4     C N N 162 
DT  O4     O N N 163 
DT  C5     C N N 164 
DT  C7     C N N 165 
DT  C6     C N N 166 
DT  HOP3   H N N 167 
DT  HOP2   H N N 168 
DT  "H5'"  H N N 169 
DT  "H5''" H N N 170 
DT  "H4'"  H N N 171 
DT  "H3'"  H N N 172 
DT  "HO3'" H N N 173 
DT  "H2'"  H N N 174 
DT  "H2''" H N N 175 
DT  "H1'"  H N N 176 
DT  H3     H N N 177 
DT  H71    H N N 178 
DT  H72    H N N 179 
DT  H73    H N N 180 
DT  H6     H N N 181 
# 
loop_
_chem_comp_bond.comp_id 
_chem_comp_bond.atom_id_1 
_chem_comp_bond.atom_id_2 
_chem_comp_bond.value_order 
_chem_comp_bond.pdbx_aromatic_flag 
_chem_comp_bond.pdbx_stereo_config 
_chem_comp_bond.pdbx_ordinal 
AFN C8A   C9     sing N N 1   
AFN C8A   O7     sing N N 2   
AFN C8A   H8A2   sing N N 3   
AFN C8A   H8A    sing N N 4   
AFN C9    O9     sing N N 5   
AFN C9    C9A    sing N N 6   
AFN C9    H9     sing N N 7   
AFN O9    HO9    sing N N 8   
AFN C9A   C9B    sing N N 9   
AFN C9A   C6A    sing N N 10  
AFN C9A   H9A    sing N N 11  
AFN C9B   C5A    doub Y N 12  
AFN C9B   C10    sing Y N 13  
AFN O7    C6A    sing N N 14  
AFN C6A   O6A    sing N N 15  
AFN C6A   H6A    sing N N 16  
AFN O6A   C5A    sing N N 17  
AFN C5A   C5B    sing Y N 18  
AFN C5B   C4B    doub Y N 19  
AFN C5B   H5B    sing N N 20  
AFN C4B   O4     sing N N 21  
AFN C4B   C4A    sing Y N 22  
AFN O4    CM     sing N N 23  
AFN CM    HM1    sing N N 24  
AFN CM    HM2    sing N N 25  
AFN CM    HM3    sing N N 26  
AFN C4A   C10    doub Y N 27  
AFN C4A   C3A    sing Y N 28  
AFN C10   O10    sing Y N 29  
AFN O10   C11    sing Y N 30  
AFN C11   O11    doub N N 31  
AFN C11   C12    sing Y N 32  
AFN C12   C3A    doub Y N 33  
AFN C12   C1     sing N N 34  
AFN C3A   C3     sing N N 35  
AFN C3    C2A    sing N N 36  
AFN C3    H31    sing N N 37  
AFN C3    H32    sing N N 38  
AFN C2A   C1     sing N N 39  
AFN C2A   H2A1   sing N N 40  
AFN C2A   H2A2   sing N N 41  
AFN C1    O1     doub N N 42  
DA  OP3   P      sing N N 43  
DA  OP3   HOP3   sing N N 44  
DA  P     OP1    doub N N 45  
DA  P     OP2    sing N N 46  
DA  P     "O5'"  sing N N 47  
DA  OP2   HOP2   sing N N 48  
DA  "O5'" "C5'"  sing N N 49  
DA  "C5'" "C4'"  sing N N 50  
DA  "C5'" "H5'"  sing N N 51  
DA  "C5'" "H5''" sing N N 52  
DA  "C4'" "O4'"  sing N N 53  
DA  "C4'" "C3'"  sing N N 54  
DA  "C4'" "H4'"  sing N N 55  
DA  "O4'" "C1'"  sing N N 56  
DA  "C3'" "O3'"  sing N N 57  
DA  "C3'" "C2'"  sing N N 58  
DA  "C3'" "H3'"  sing N N 59  
DA  "O3'" "HO3'" sing N N 60  
DA  "C2'" "C1'"  sing N N 61  
DA  "C2'" "H2'"  sing N N 62  
DA  "C2'" "H2''" sing N N 63  
DA  "C1'" N9     sing N N 64  
DA  "C1'" "H1'"  sing N N 65  
DA  N9    C8     sing Y N 66  
DA  N9    C4     sing Y N 67  
DA  C8    N7     doub Y N 68  
DA  C8    H8     sing N N 69  
DA  N7    C5     sing Y N 70  
DA  C5    C6     sing Y N 71  
DA  C5    C4     doub Y N 72  
DA  C6    N6     sing N N 73  
DA  C6    N1     doub Y N 74  
DA  N6    H61    sing N N 75  
DA  N6    H62    sing N N 76  
DA  N1    C2     sing Y N 77  
DA  C2    N3     doub Y N 78  
DA  C2    H2     sing N N 79  
DA  N3    C4     sing Y N 80  
DC  OP3   P      sing N N 81  
DC  OP3   HOP3   sing N N 82  
DC  P     OP1    doub N N 83  
DC  P     OP2    sing N N 84  
DC  P     "O5'"  sing N N 85  
DC  OP2   HOP2   sing N N 86  
DC  "O5'" "C5'"  sing N N 87  
DC  "C5'" "C4'"  sing N N 88  
DC  "C5'" "H5'"  sing N N 89  
DC  "C5'" "H5''" sing N N 90  
DC  "C4'" "O4'"  sing N N 91  
DC  "C4'" "C3'"  sing N N 92  
DC  "C4'" "H4'"  sing N N 93  
DC  "O4'" "C1'"  sing N N 94  
DC  "C3'" "O3'"  sing N N 95  
DC  "C3'" "C2'"  sing N N 96  
DC  "C3'" "H3'"  sing N N 97  
DC  "O3'" "HO3'" sing N N 98  
DC  "C2'" "C1'"  sing N N 99  
DC  "C2'" "H2'"  sing N N 100 
DC  "C2'" "H2''" sing N N 101 
DC  "C1'" N1     sing N N 102 
DC  "C1'" "H1'"  sing N N 103 
DC  N1    C2     sing N N 104 
DC  N1    C6     sing N N 105 
DC  C2    O2     doub N N 106 
DC  C2    N3     sing N N 107 
DC  N3    C4     doub N N 108 
DC  C4    N4     sing N N 109 
DC  C4    C5     sing N N 110 
DC  N4    H41    sing N N 111 
DC  N4    H42    sing N N 112 
DC  C5    C6     doub N N 113 
DC  C5    H5     sing N N 114 
DC  C6    H6     sing N N 115 
DG  OP3   P      sing N N 116 
DG  OP3   HOP3   sing N N 117 
DG  P     OP1    doub N N 118 
DG  P     OP2    sing N N 119 
DG  P     "O5'"  sing N N 120 
DG  OP2   HOP2   sing N N 121 
DG  "O5'" "C5'"  sing N N 122 
DG  "C5'" "C4'"  sing N N 123 
DG  "C5'" "H5'"  sing N N 124 
DG  "C5'" "H5''" sing N N 125 
DG  "C4'" "O4'"  sing N N 126 
DG  "C4'" "C3'"  sing N N 127 
DG  "C4'" "H4'"  sing N N 128 
DG  "O4'" "C1'"  sing N N 129 
DG  "C3'" "O3'"  sing N N 130 
DG  "C3'" "C2'"  sing N N 131 
DG  "C3'" "H3'"  sing N N 132 
DG  "O3'" "HO3'" sing N N 133 
DG  "C2'" "C1'"  sing N N 134 
DG  "C2'" "H2'"  sing N N 135 
DG  "C2'" "H2''" sing N N 136 
DG  "C1'" N9     sing N N 137 
DG  "C1'" "H1'"  sing N N 138 
DG  N9    C8     sing Y N 139 
DG  N9    C4     sing Y N 140 
DG  C8    N7     doub Y N 141 
DG  C8    H8     sing N N 142 
DG  N7    C5     sing Y N 143 
DG  C5    C6     sing N N 144 
DG  C5    C4     doub Y N 145 
DG  C6    O6     doub N N 146 
DG  C6    N1     sing N N 147 
DG  N1    C2     sing N N 148 
DG  N1    H1     sing N N 149 
DG  C2    N2     sing N N 150 
DG  C2    N3     doub N N 151 
DG  N2    H21    sing N N 152 
DG  N2    H22    sing N N 153 
DG  N3    C4     sing N N 154 
DT  OP3   P      sing N N 155 
DT  OP3   HOP3   sing N N 156 
DT  P     OP1    doub N N 157 
DT  P     OP2    sing N N 158 
DT  P     "O5'"  sing N N 159 
DT  OP2   HOP2   sing N N 160 
DT  "O5'" "C5'"  sing N N 161 
DT  "C5'" "C4'"  sing N N 162 
DT  "C5'" "H5'"  sing N N 163 
DT  "C5'" "H5''" sing N N 164 
DT  "C4'" "O4'"  sing N N 165 
DT  "C4'" "C3'"  sing N N 166 
DT  "C4'" "H4'"  sing N N 167 
DT  "O4'" "C1'"  sing N N 168 
DT  "C3'" "O3'"  sing N N 169 
DT  "C3'" "C2'"  sing N N 170 
DT  "C3'" "H3'"  sing N N 171 
DT  "O3'" "HO3'" sing N N 172 
DT  "C2'" "C1'"  sing N N 173 
DT  "C2'" "H2'"  sing N N 174 
DT  "C2'" "H2''" sing N N 175 
DT  "C1'" N1     sing N N 176 
DT  "C1'" "H1'"  sing N N 177 
DT  N1    C2     sing N N 178 
DT  N1    C6     sing N N 179 
DT  C2    O2     doub N N 180 
DT  C2    N3     sing N N 181 
DT  N3    C4     sing N N 182 
DT  N3    H3     sing N N 183 
DT  C4    O4     doub N N 184 
DT  C4    C5     sing N N 185 
DT  C5    C7     sing N N 186 
DT  C5    C6     doub N N 187 
DT  C7    H71    sing N N 188 
DT  C7    H72    sing N N 189 
DT  C7    H73    sing N N 190 
DT  C6    H6     sing N N 191 
# 
loop_
_ndb_struct_conf_na.entry_id 
_ndb_struct_conf_na.feature 
1MK6 'double helix'        
1MK6 'b-form double helix' 
# 
loop_
_ndb_struct_na_base_pair.model_number 
_ndb_struct_na_base_pair.i_label_asym_id 
_ndb_struct_na_base_pair.i_label_comp_id 
_ndb_struct_na_base_pair.i_label_seq_id 
_ndb_struct_na_base_pair.i_symmetry 
_ndb_struct_na_base_pair.j_label_asym_id 
_ndb_struct_na_base_pair.j_label_comp_id 
_ndb_struct_na_base_pair.j_label_seq_id 
_ndb_struct_na_base_pair.j_symmetry 
_ndb_struct_na_base_pair.shear 
_ndb_struct_na_base_pair.stretch 
_ndb_struct_na_base_pair.stagger 
_ndb_struct_na_base_pair.buckle 
_ndb_struct_na_base_pair.propeller 
_ndb_struct_na_base_pair.opening 
_ndb_struct_na_base_pair.pair_number 
_ndb_struct_na_base_pair.pair_name 
_ndb_struct_na_base_pair.i_auth_asym_id 
_ndb_struct_na_base_pair.i_auth_seq_id 
_ndb_struct_na_base_pair.i_PDB_ins_code 
_ndb_struct_na_base_pair.j_auth_asym_id 
_ndb_struct_na_base_pair.j_auth_seq_id 
_ndb_struct_na_base_pair.j_PDB_ins_code 
_ndb_struct_na_base_pair.hbond_type_28 
_ndb_struct_na_base_pair.hbond_type_12 
1 A DA 1  1_555 B DT 10 1_555 0.302 -0.135 0.966  23.636  -15.373 -3.284 1 A_DA1:DT20_B  A 1  ? B 20 ? 20 1 
1 A DC 2  1_555 B DG 9  1_555 0.239 -0.148 0.126  7.918   -12.410 -0.412 2 A_DC2:DG19_B  A 2  ? B 19 ? 19 1 
1 A DA 3  1_555 B DT 8  1_555 0.343 -0.063 -0.096 -10.484 -3.413  -0.790 3 A_DA3:DT18_B  A 3  ? B 18 ? 20 1 
1 A DT 4  1_555 B DA 7  1_555 0.110 -0.104 -0.069 -3.645  1.184   0.480  4 A_DT4:DA17_B  A 4  ? B 17 ? 20 1 
1 A DC 5  1_555 B DG 6  1_555 0.069 -0.160 -0.236 7.279   1.640   -1.440 5 A_DC5:DG16_B  A 5  ? B 16 ? 19 1 
1 A DA 7  1_555 B DT 4  1_555 0.239 0.027  0.333  1.776   -3.931  3.513  6 A_DA7:DT14_B  A 7  ? B 14 ? 20 1 
1 A DT 8  1_555 B DA 3  1_555 0.021 -0.113 -0.121 2.900   -5.532  -0.876 7 A_DT8:DA13_B  A 8  ? B 13 ? 20 1 
1 A DC 9  1_555 B DG 2  1_555 0.276 -0.208 -0.127 -1.107  -3.330  -3.174 8 A_DC9:DG12_B  A 9  ? B 12 ? 19 1 
1 A DT 10 1_555 B DA 1  1_555 0.047 -0.078 -0.151 -10.712 -11.834 8.016  9 A_DT10:DA11_B A 10 ? B 11 ? 20 1 
# 
loop_
_ndb_struct_na_base_pair_step.model_number 
_ndb_struct_na_base_pair_step.i_label_asym_id_1 
_ndb_struct_na_base_pair_step.i_label_comp_id_1 
_ndb_struct_na_base_pair_step.i_label_seq_id_1 
_ndb_struct_na_base_pair_step.i_symmetry_1 
_ndb_struct_na_base_pair_step.j_label_asym_id_1 
_ndb_struct_na_base_pair_step.j_label_comp_id_1 
_ndb_struct_na_base_pair_step.j_label_seq_id_1 
_ndb_struct_na_base_pair_step.j_symmetry_1 
_ndb_struct_na_base_pair_step.i_label_asym_id_2 
_ndb_struct_na_base_pair_step.i_label_comp_id_2 
_ndb_struct_na_base_pair_step.i_label_seq_id_2 
_ndb_struct_na_base_pair_step.i_symmetry_2 
_ndb_struct_na_base_pair_step.j_label_asym_id_2 
_ndb_struct_na_base_pair_step.j_label_comp_id_2 
_ndb_struct_na_base_pair_step.j_label_seq_id_2 
_ndb_struct_na_base_pair_step.j_symmetry_2 
_ndb_struct_na_base_pair_step.shift 
_ndb_struct_na_base_pair_step.slide 
_ndb_struct_na_base_pair_step.rise 
_ndb_struct_na_base_pair_step.tilt 
_ndb_struct_na_base_pair_step.roll 
_ndb_struct_na_base_pair_step.twist 
_ndb_struct_na_base_pair_step.x_displacement 
_ndb_struct_na_base_pair_step.y_displacement 
_ndb_struct_na_base_pair_step.helical_rise 
_ndb_struct_na_base_pair_step.inclination 
_ndb_struct_na_base_pair_step.tip 
_ndb_struct_na_base_pair_step.helical_twist 
_ndb_struct_na_base_pair_step.step_number 
_ndb_struct_na_base_pair_step.step_name 
_ndb_struct_na_base_pair_step.i_auth_asym_id_1 
_ndb_struct_na_base_pair_step.i_auth_seq_id_1 
_ndb_struct_na_base_pair_step.i_PDB_ins_code_1 
_ndb_struct_na_base_pair_step.j_auth_asym_id_1 
_ndb_struct_na_base_pair_step.j_auth_seq_id_1 
_ndb_struct_na_base_pair_step.j_PDB_ins_code_1 
_ndb_struct_na_base_pair_step.i_auth_asym_id_2 
_ndb_struct_na_base_pair_step.i_auth_seq_id_2 
_ndb_struct_na_base_pair_step.i_PDB_ins_code_2 
_ndb_struct_na_base_pair_step.j_auth_asym_id_2 
_ndb_struct_na_base_pair_step.j_auth_seq_id_2 
_ndb_struct_na_base_pair_step.j_PDB_ins_code_2 
1 A DA 1 1_555 B DT 10 1_555 A DC 2  1_555 B DG 9 1_555 0.156  -0.565 3.809 3.108  -2.174 35.164 -0.554 0.280  3.835 -3.586 -5.126 
35.361 1 AA_DA1DC2:DG19DT20_BB  A 1 ? B 20 ? A 2  ? B 19 ? 
1 A DC 2 1_555 B DG 9  1_555 A DA 3  1_555 B DT 8 1_555 -0.417 -0.724 3.608 0.101  6.981  39.986 -1.889 0.614  3.438 10.115 -0.146 
40.566 2 AA_DC2DA3:DT18DG19_BB  A 2 ? B 19 ? A 3  ? B 18 ? 
1 A DA 3 1_555 B DT 8  1_555 A DT 4  1_555 B DA 7 1_555 0.176  -0.511 3.276 -0.707 -2.651 31.236 -0.442 -0.460 3.303 -4.911 1.311  
31.353 3 AA_DA3DT4:DA17DT18_BB  A 3 ? B 18 ? A 4  ? B 17 ? 
1 A DT 4 1_555 B DA 7  1_555 A DC 5  1_555 B DG 6 1_555 0.206  -0.287 3.079 -1.136 0.580  35.812 -0.544 -0.487 3.066 0.942  1.846  
35.834 4 AA_DT4DC5:DG16DA17_BB  A 4 ? B 17 ? A 5  ? B 16 ? 
1 A DA 7 1_555 B DT 4  1_555 A DT 8  1_555 B DA 3 1_555 -0.542 -0.809 3.334 3.097  -4.900 28.073 -0.492 1.818  3.346 -9.967 -6.300 
28.653 5 AA_DA7DT8:DA13DT14_BB  A 7 ? B 14 ? A 8  ? B 13 ? 
1 A DT 8 1_555 B DA 3  1_555 A DC 9  1_555 B DG 2 1_555 -0.067 -0.800 3.404 -2.193 0.507  38.970 -1.260 -0.175 3.392 0.760  3.284  
39.033 6 AA_DT8DC9:DG12DA13_BB  A 8 ? B 13 ? A 9  ? B 12 ? 
1 A DC 9 1_555 B DG 2  1_555 A DT 10 1_555 B DA 1 1_555 1.115  -0.830 3.465 4.182  5.281  28.271 -2.888 -1.246 3.384 10.621 -8.412 
29.047 7 AA_DC9DT10:DA11DG12_BB A 9 ? B 12 ? A 10 ? B 11 ? 
# 
loop_
_pdbx_nmr_spectrometer.spectrometer_id 
_pdbx_nmr_spectrometer.type 
_pdbx_nmr_spectrometer.manufacturer 
_pdbx_nmr_spectrometer.model 
_pdbx_nmr_spectrometer.field_strength 
1 ? Bruker DRX 500 
2 ? Bruker DRX 800 
3 ? Bruker DRX 600 
# 
_atom_sites.entry_id                    1MK6 
_atom_sites.fract_transf_matrix[1][1]   1.000000 
_atom_sites.fract_transf_matrix[1][2]   0.000000 
_atom_sites.fract_transf_matrix[1][3]   0.000000 
_atom_sites.fract_transf_matrix[2][1]   0.000000 
_atom_sites.fract_transf_matrix[2][2]   1.000000 
_atom_sites.fract_transf_matrix[2][3]   0.000000 
_atom_sites.fract_transf_matrix[3][1]   0.000000 
_atom_sites.fract_transf_matrix[3][2]   0.000000 
_atom_sites.fract_transf_matrix[3][3]   1.000000 
_atom_sites.fract_transf_vector[1]      0.00000 
_atom_sites.fract_transf_vector[2]      0.00000 
_atom_sites.fract_transf_vector[3]      0.00000 
# 
loop_
_atom_type.symbol 
C 
H 
N 
O 
P 
# 
loop_
_atom_site.group_PDB 
_atom_site.id 
_atom_site.type_symbol 
_atom_site.label_atom_id 
_atom_site.label_alt_id 
_atom_site.label_comp_id 
_atom_site.label_asym_id 
_atom_site.label_entity_id 
_atom_site.label_seq_id 
_atom_site.pdbx_PDB_ins_code 
_atom_site.Cartn_x 
_atom_site.Cartn_y 
_atom_site.Cartn_z 
_atom_site.occupancy 
_atom_site.B_iso_or_equiv 
_atom_site.pdbx_formal_charge 
_atom_site.auth_seq_id 
_atom_site.auth_comp_id 
_atom_site.auth_asym_id 
_atom_site.auth_atom_id 
_atom_site.pdbx_PDB_model_num 
ATOM   1   O "O5'"  . DA  A 1 1  ? 6.496   11.216  -16.240 1.00 0.00 ? 1  DA  A "O5'"  1 
ATOM   2   C "C5'"  . DA  A 1 1  ? 5.435   10.436  -15.711 1.00 0.00 ? 1  DA  A "C5'"  1 
ATOM   3   C "C4'"  . DA  A 1 1  ? 5.593   8.946   -16.072 1.00 0.00 ? 1  DA  A "C4'"  1 
ATOM   4   O "O4'"  . DA  A 1 1  ? 6.691   8.409   -15.346 1.00 0.00 ? 1  DA  A "O4'"  1 
ATOM   5   C "C3'"  . DA  A 1 1  ? 4.374   8.104   -15.669 1.00 0.00 ? 1  DA  A "C3'"  1 
ATOM   6   O "O3'"  . DA  A 1 1  ? 4.323   6.944   -16.489 1.00 0.00 ? 1  DA  A "O3'"  1 
ATOM   7   C "C2'"  . DA  A 1 1  ? 4.694   7.795   -14.209 1.00 0.00 ? 1  DA  A "C2'"  1 
ATOM   8   C "C1'"  . DA  A 1 1  ? 6.218   7.641   -14.251 1.00 0.00 ? 1  DA  A "C1'"  1 
ATOM   9   N N9     . DA  A 1 1  ? 6.937   8.092   -13.036 1.00 0.00 ? 1  DA  A N9     1 
ATOM   10  C C8     . DA  A 1 1  ? 6.643   9.108   -12.154 1.00 0.00 ? 1  DA  A C8     1 
ATOM   11  N N7     . DA  A 1 1  ? 7.512   9.258   -11.191 1.00 0.00 ? 1  DA  A N7     1 
ATOM   12  C C5     . DA  A 1 1  ? 8.466   8.270   -11.467 1.00 0.00 ? 1  DA  A C5     1 
ATOM   13  C C6     . DA  A 1 1  ? 9.682   7.861   -10.870 1.00 0.00 ? 1  DA  A C6     1 
ATOM   14  N N6     . DA  A 1 1  ? 10.205  8.381   -9.771  1.00 0.00 ? 1  DA  A N6     1 
ATOM   15  N N1     . DA  A 1 1  ? 10.404  6.874   -11.411 1.00 0.00 ? 1  DA  A N1     1 
ATOM   16  C C2     . DA  A 1 1  ? 9.931   6.261   -12.489 1.00 0.00 ? 1  DA  A C2     1 
ATOM   17  N N3     . DA  A 1 1  ? 8.809   6.527   -13.146 1.00 0.00 ? 1  DA  A N3     1 
ATOM   18  C C4     . DA  A 1 1  ? 8.122   7.561   -12.588 1.00 0.00 ? 1  DA  A C4     1 
ATOM   19  H "H5'"  . DA  A 1 1  ? 4.502   10.805  -16.134 1.00 0.00 ? 1  DA  A "H5'"  1 
ATOM   20  H "H5''" . DA  A 1 1  ? 5.399   10.549  -14.627 1.00 0.00 ? 1  DA  A "H5''" 1 
ATOM   21  H "H4'"  . DA  A 1 1  ? 5.762   8.858   -17.146 1.00 0.00 ? 1  DA  A "H4'"  1 
ATOM   22  H "H3'"  . DA  A 1 1  ? 3.443   8.667   -15.763 1.00 0.00 ? 1  DA  A "H3'"  1 
ATOM   23  H "H2'"  . DA  A 1 1  ? 4.385   8.635   -13.590 1.00 0.00 ? 1  DA  A "H2'"  1 
ATOM   24  H "H2''" . DA  A 1 1  ? 4.203   6.886   -13.867 1.00 0.00 ? 1  DA  A "H2''" 1 
ATOM   25  H "H1'"  . DA  A 1 1  ? 6.456   6.589   -14.439 1.00 0.00 ? 1  DA  A "H1'"  1 
ATOM   26  H H8     . DA  A 1 1  ? 5.776   9.746   -12.249 1.00 0.00 ? 1  DA  A H8     1 
ATOM   27  H H61    . DA  A 1 1  ? 11.129  8.063   -9.479  1.00 0.00 ? 1  DA  A H61    1 
ATOM   28  H H62    . DA  A 1 1  ? 9.661   9.017   -9.216  1.00 0.00 ? 1  DA  A H62    1 
ATOM   29  H H2     . DA  A 1 1  ? 10.533  5.454   -12.883 1.00 0.00 ? 1  DA  A H2     1 
ATOM   30  H "HO5'" . DA  A 1 1  ? 7.024   11.577  -15.522 1.00 0.00 ? 1  DA  A "HO5'" 1 
ATOM   31  P P      . DC  A 1 2  ? 3.178   5.810   -16.338 1.00 0.00 ? 2  DC  A P      1 
ATOM   32  O OP1    . DC  A 1 2  ? 2.862   5.292   -17.686 1.00 0.00 ? 2  DC  A OP1    1 
ATOM   33  O OP2    . DC  A 1 2  ? 2.104   6.345   -15.473 1.00 0.00 ? 2  DC  A OP2    1 
ATOM   34  O "O5'"  . DC  A 1 2  ? 3.956   4.652   -15.519 1.00 0.00 ? 2  DC  A "O5'"  1 
ATOM   35  C "C5'"  . DC  A 1 2  ? 4.902   3.826   -16.182 1.00 0.00 ? 2  DC  A "C5'"  1 
ATOM   36  C "C4'"  . DC  A 1 2  ? 5.728   2.931   -15.244 1.00 0.00 ? 2  DC  A "C4'"  1 
ATOM   37  O "O4'"  . DC  A 1 2  ? 6.384   3.731   -14.265 1.00 0.00 ? 2  DC  A "O4'"  1 
ATOM   38  C "C3'"  . DC  A 1 2  ? 4.948   1.835   -14.500 1.00 0.00 ? 2  DC  A "C3'"  1 
ATOM   39  O "O3'"  . DC  A 1 2  ? 5.752   0.660   -14.523 1.00 0.00 ? 2  DC  A "O3'"  1 
ATOM   40  C "C2'"  . DC  A 1 2  ? 4.836   2.442   -13.108 1.00 0.00 ? 2  DC  A "C2'"  1 
ATOM   41  C "C1'"  . DC  A 1 2  ? 6.206   3.113   -13.003 1.00 0.00 ? 2  DC  A "C1'"  1 
ATOM   42  N N1     . DC  A 1 2  ? 6.321   4.124   -11.917 1.00 0.00 ? 2  DC  A N1     1 
ATOM   43  C C2     . DC  A 1 2  ? 7.418   4.075   -11.046 1.00 0.00 ? 2  DC  A C2     1 
ATOM   44  O O2     . DC  A 1 2  ? 8.288   3.210   -11.141 1.00 0.00 ? 2  DC  A O2     1 
ATOM   45  N N3     . DC  A 1 2  ? 7.542   4.995   -10.052 1.00 0.00 ? 2  DC  A N3     1 
ATOM   46  C C4     . DC  A 1 2  ? 6.613   5.925   -9.916  1.00 0.00 ? 2  DC  A C4     1 
ATOM   47  N N4     . DC  A 1 2  ? 6.792   6.792   -8.950  1.00 0.00 ? 2  DC  A N4     1 
ATOM   48  C C5     . DC  A 1 2  ? 5.484   6.030   -10.784 1.00 0.00 ? 2  DC  A C5     1 
ATOM   49  C C6     . DC  A 1 2  ? 5.377   5.111   -11.775 1.00 0.00 ? 2  DC  A C6     1 
ATOM   50  H "H5'"  . DC  A 1 2  ? 5.594   4.463   -16.733 1.00 0.00 ? 2  DC  A "H5'"  1 
ATOM   51  H "H5''" . DC  A 1 2  ? 4.375   3.196   -16.903 1.00 0.00 ? 2  DC  A "H5''" 1 
ATOM   52  H "H4'"  . DC  A 1 2  ? 6.486   2.436   -15.853 1.00 0.00 ? 2  DC  A "H4'"  1 
ATOM   53  H "H3'"  . DC  A 1 2  ? 3.968   1.648   -14.944 1.00 0.00 ? 2  DC  A "H3'"  1 
ATOM   54  H "H2'"  . DC  A 1 2  ? 4.021   3.164   -13.109 1.00 0.00 ? 2  DC  A "H2'"  1 
ATOM   55  H "H2''" . DC  A 1 2  ? 4.676   1.699   -12.330 1.00 0.00 ? 2  DC  A "H2''" 1 
ATOM   56  H "H1'"  . DC  A 1 2  ? 6.960   2.328   -12.878 1.00 0.00 ? 2  DC  A "H1'"  1 
ATOM   57  H H41    . DC  A 1 2  ? 7.637   6.694   -8.380  1.00 0.00 ? 2  DC  A H41    1 
ATOM   58  H H42    . DC  A 1 2  ? 6.166   7.566   -8.844  1.00 0.00 ? 2  DC  A H42    1 
ATOM   59  H H5     . DC  A 1 2  ? 4.737   6.800   -10.683 1.00 0.00 ? 2  DC  A H5     1 
ATOM   60  H H6     . DC  A 1 2  ? 4.551   5.147   -12.476 1.00 0.00 ? 2  DC  A H6     1 
ATOM   61  P P      . DA  A 1 3  ? 5.336   -0.719  -13.795 1.00 0.00 ? 3  DA  A P      1 
ATOM   62  O OP1    . DA  A 1 3  ? 5.650   -1.833  -14.710 1.00 0.00 ? 3  DA  A OP1    1 
ATOM   63  O OP2    . DA  A 1 3  ? 3.978   -0.576  -13.230 1.00 0.00 ? 3  DA  A OP2    1 
ATOM   64  O "O5'"  . DA  A 1 3  ? 6.376   -0.761  -12.567 1.00 0.00 ? 3  DA  A "O5'"  1 
ATOM   65  C "C5'"  . DA  A 1 3  ? 7.752   -1.042  -12.778 1.00 0.00 ? 3  DA  A "C5'"  1 
ATOM   66  C "C4'"  . DA  A 1 3  ? 8.458   -1.531  -11.507 1.00 0.00 ? 3  DA  A "C4'"  1 
ATOM   67  O "O4'"  . DA  A 1 3  ? 8.570   -0.484  -10.552 1.00 0.00 ? 3  DA  A "O4'"  1 
ATOM   68  C "C3'"  . DA  A 1 3  ? 7.739   -2.699  -10.830 1.00 0.00 ? 3  DA  A "C3'"  1 
ATOM   69  O "O3'"  . DA  A 1 3  ? 8.747   -3.532  -10.284 1.00 0.00 ? 3  DA  A "O3'"  1 
ATOM   70  C "C2'"  . DA  A 1 3  ? 6.888   -1.976  -9.787  1.00 0.00 ? 3  DA  A "C2'"  1 
ATOM   71  C "C1'"  . DA  A 1 3  ? 7.793   -0.803  -9.409  1.00 0.00 ? 3  DA  A "C1'"  1 
ATOM   72  N N9     . DA  A 1 3  ? 7.067   0.420   -9.006  1.00 0.00 ? 3  DA  A N9     1 
ATOM   73  C C8     . DA  A 1 3  ? 6.062   1.085   -9.665  1.00 0.00 ? 3  DA  A C8     1 
ATOM   74  N N7     . DA  A 1 3  ? 5.693   2.204   -9.095  1.00 0.00 ? 3  DA  A N7     1 
ATOM   75  C C5     . DA  A 1 3  ? 6.539   2.285   -7.980  1.00 0.00 ? 3  DA  A C5     1 
ATOM   76  C C6     . DA  A 1 3  ? 6.737   3.224   -6.939  1.00 0.00 ? 3  DA  A C6     1 
ATOM   77  N N6     . DA  A 1 3  ? 6.075   4.360   -6.803  1.00 0.00 ? 3  DA  A N6     1 
ATOM   78  N N1     . DA  A 1 3  ? 7.651   3.005   -5.987  1.00 0.00 ? 3  DA  A N1     1 
ATOM   79  C C2     . DA  A 1 3  ? 8.365   1.887   -6.041  1.00 0.00 ? 3  DA  A C2     1 
ATOM   80  N N3     . DA  A 1 3  ? 8.297   0.929   -6.959  1.00 0.00 ? 3  DA  A N3     1 
ATOM   81  C C4     . DA  A 1 3  ? 7.363   1.195   -7.912  1.00 0.00 ? 3  DA  A C4     1 
ATOM   82  H "H5'"  . DA  A 1 3  ? 8.254   -0.150  -13.152 1.00 0.00 ? 3  DA  A "H5'"  1 
ATOM   83  H "H5''" . DA  A 1 3  ? 7.846   -1.831  -13.526 1.00 0.00 ? 3  DA  A "H5''" 1 
ATOM   84  H "H4'"  . DA  A 1 3  ? 9.461   -1.858  -11.787 1.00 0.00 ? 3  DA  A "H4'"  1 
ATOM   85  H "H3'"  . DA  A 1 3  ? 7.120   -3.263  -11.531 1.00 0.00 ? 3  DA  A "H3'"  1 
ATOM   86  H "H2'"  . DA  A 1 3  ? 5.966   -1.634  -10.254 1.00 0.00 ? 3  DA  A "H2'"  1 
ATOM   87  H "H2''" . DA  A 1 3  ? 6.649   -2.603  -8.932  1.00 0.00 ? 3  DA  A "H2''" 1 
ATOM   88  H "H1'"  . DA  A 1 3  ? 8.456   -1.123  -8.599  1.00 0.00 ? 3  DA  A "H1'"  1 
ATOM   89  H H8     . DA  A 1 3  ? 5.631   0.706   -10.583 1.00 0.00 ? 3  DA  A H8     1 
ATOM   90  H H61    . DA  A 1 3  ? 6.348   4.983   -6.039  1.00 0.00 ? 3  DA  A H61    1 
ATOM   91  H H62    . DA  A 1 3  ? 5.372   4.602   -7.479  1.00 0.00 ? 3  DA  A H62    1 
ATOM   92  H H2     . DA  A 1 3  ? 9.086   1.740   -5.248  1.00 0.00 ? 3  DA  A H2     1 
ATOM   93  P P      . DT  A 1 4  ? 8.416   -4.838  -9.412  1.00 0.00 ? 4  DT  A P      1 
ATOM   94  O OP1    . DT  A 1 4  ? 9.559   -5.767  -9.515  1.00 0.00 ? 4  DT  A OP1    1 
ATOM   95  O OP2    . DT  A 1 4  ? 7.042   -5.289  -9.717  1.00 0.00 ? 4  DT  A OP2    1 
ATOM   96  O "O5'"  . DT  A 1 4  ? 8.416   -4.178  -7.951  1.00 0.00 ? 4  DT  A "O5'"  1 
ATOM   97  C "C5'"  . DT  A 1 4  ? 9.612   -3.669  -7.383  1.00 0.00 ? 4  DT  A "C5'"  1 
ATOM   98  C "C4'"  . DT  A 1 4  ? 9.426   -3.389  -5.894  1.00 0.00 ? 4  DT  A "C4'"  1 
ATOM   99  O "O4'"  . DT  A 1 4  ? 8.688   -2.191  -5.739  1.00 0.00 ? 4  DT  A "O4'"  1 
ATOM   100 C "C3'"  . DT  A 1 4  ? 8.670   -4.518  -5.182  1.00 0.00 ? 4  DT  A "C3'"  1 
ATOM   101 O "O3'"  . DT  A 1 4  ? 9.417   -4.910  -4.050  1.00 0.00 ? 4  DT  A "O3'"  1 
ATOM   102 C "C2'"  . DT  A 1 4  ? 7.328   -3.873  -4.840  1.00 0.00 ? 4  DT  A "C2'"  1 
ATOM   103 C "C1'"  . DT  A 1 4  ? 7.698   -2.388  -4.756  1.00 0.00 ? 4  DT  A "C1'"  1 
ATOM   104 N N1     . DT  A 1 4  ? 6.607   -1.409  -5.026  1.00 0.00 ? 4  DT  A N1     1 
ATOM   105 C C2     . DT  A 1 4  ? 6.558   -0.274  -4.214  1.00 0.00 ? 4  DT  A C2     1 
ATOM   106 O O2     . DT  A 1 4  ? 7.282   -0.096  -3.241  1.00 0.00 ? 4  DT  A O2     1 
ATOM   107 N N3     . DT  A 1 4  ? 5.614   0.673   -4.527  1.00 0.00 ? 4  DT  A N3     1 
ATOM   108 C C4     . DT  A 1 4  ? 4.693   0.603   -5.547  1.00 0.00 ? 4  DT  A C4     1 
ATOM   109 O O4     . DT  A 1 4  ? 3.884   1.521   -5.657  1.00 0.00 ? 4  DT  A O4     1 
ATOM   110 C C5     . DT  A 1 4  ? 4.806   -0.600  -6.378  1.00 0.00 ? 4  DT  A C5     1 
ATOM   111 C C7     . DT  A 1 4  ? 3.890   -0.822  -7.571  1.00 0.00 ? 4  DT  A C7     1 
ATOM   112 C C6     . DT  A 1 4  ? 5.745   -1.546  -6.100  1.00 0.00 ? 4  DT  A C6     1 
ATOM   113 H "H5'"  . DT  A 1 4  ? 9.901   -2.748  -7.890  1.00 0.00 ? 4  DT  A "H5'"  1 
ATOM   114 H "H5''" . DT  A 1 4  ? 10.409  -4.403  -7.501  1.00 0.00 ? 4  DT  A "H5''" 1 
ATOM   115 H "H4'"  . DT  A 1 4  ? 10.406  -3.270  -5.430  1.00 0.00 ? 4  DT  A "H4'"  1 
ATOM   116 H "H3'"  . DT  A 1 4  ? 8.526   -5.380  -5.837  1.00 0.00 ? 4  DT  A "H3'"  1 
ATOM   117 H "H2'"  . DT  A 1 4  ? 6.634   -4.074  -5.653  1.00 0.00 ? 4  DT  A "H2'"  1 
ATOM   118 H "H2''" . DT  A 1 4  ? 6.928   -4.249  -3.902  1.00 0.00 ? 4  DT  A "H2''" 1 
ATOM   119 H "H1'"  . DT  A 1 4  ? 8.136   -2.205  -3.770  1.00 0.00 ? 4  DT  A "H1'"  1 
ATOM   120 H H3     . DT  A 1 4  ? 5.595   1.481   -3.913  1.00 0.00 ? 4  DT  A H3     1 
ATOM   121 H H71    . DT  A 1 4  ? 4.482   -0.970  -8.473  1.00 0.00 ? 4  DT  A H71    1 
ATOM   122 H H72    . DT  A 1 4  ? 3.239   0.040   -7.724  1.00 0.00 ? 4  DT  A H72    1 
ATOM   123 H H73    . DT  A 1 4  ? 3.277   -1.709  -7.408  1.00 0.00 ? 4  DT  A H73    1 
ATOM   124 H H6     . DT  A 1 4  ? 5.839   -2.406  -6.748  1.00 0.00 ? 4  DT  A H6     1 
ATOM   125 P P      . DC  A 1 5  ? 9.042   -6.229  -3.207  1.00 0.00 ? 5  DC  A P      1 
ATOM   126 O OP1    . DC  A 1 5  ? 10.294  -6.938  -2.867  1.00 0.00 ? 5  DC  A OP1    1 
ATOM   127 O OP2    . DC  A 1 5  ? 7.931   -6.934  -3.883  1.00 0.00 ? 5  DC  A OP2    1 
ATOM   128 O "O5'"  . DC  A 1 5  ? 8.463   -5.514  -1.899  1.00 0.00 ? 5  DC  A "O5'"  1 
ATOM   129 C "C5'"  . DC  A 1 5  ? 9.322   -4.823  -1.009  1.00 0.00 ? 5  DC  A "C5'"  1 
ATOM   130 C "C4'"  . DC  A 1 5  ? 8.519   -4.035  0.031   1.00 0.00 ? 5  DC  A "C4'"  1 
ATOM   131 O "O4'"  . DC  A 1 5  ? 7.923   -2.913  -0.597  1.00 0.00 ? 5  DC  A "O4'"  1 
ATOM   132 C "C3'"  . DC  A 1 5  ? 7.390   -4.834  0.686   1.00 0.00 ? 5  DC  A "C3'"  1 
ATOM   133 O "O3'"  . DC  A 1 5  ? 7.808   -5.381  1.925   1.00 0.00 ? 5  DC  A "O3'"  1 
ATOM   134 C "C2'"  . DC  A 1 5  ? 6.281   -3.796  0.853   1.00 0.00 ? 5  DC  A "C2'"  1 
ATOM   135 C "C1'"  . DC  A 1 5  ? 6.780   -2.529  0.134   1.00 0.00 ? 5  DC  A "C1'"  1 
ATOM   136 N N1     . DC  A 1 5  ? 5.787   -1.988  -0.834  1.00 0.00 ? 5  DC  A N1     1 
ATOM   137 C C2     . DC  A 1 5  ? 5.241   -0.709  -0.653  1.00 0.00 ? 5  DC  A C2     1 
ATOM   138 O O2     . DC  A 1 5  ? 5.608   0.035   0.257   1.00 0.00 ? 5  DC  A O2     1 
ATOM   139 N N3     . DC  A 1 5  ? 4.241   -0.280  -1.473  1.00 0.00 ? 5  DC  A N3     1 
ATOM   140 C C4     . DC  A 1 5  ? 3.835   -1.060  -2.461  1.00 0.00 ? 5  DC  A C4     1 
ATOM   141 N N4     . DC  A 1 5  ? 2.845   -0.628  -3.202  1.00 0.00 ? 5  DC  A N4     1 
ATOM   142 C C5     . DC  A 1 5  ? 4.394   -2.345  -2.718  1.00 0.00 ? 5  DC  A C5     1 
ATOM   143 C C6     . DC  A 1 5  ? 5.373   -2.772  -1.882  1.00 0.00 ? 5  DC  A C6     1 
ATOM   144 H "H5'"  . DC  A 1 5  ? 9.938   -4.123  -1.576  1.00 0.00 ? 5  DC  A "H5'"  1 
ATOM   145 H "H5''" . DC  A 1 5  ? 9.975   -5.539  -0.508  1.00 0.00 ? 5  DC  A "H5''" 1 
ATOM   146 H "H4'"  . DC  A 1 5  ? 9.194   -3.683  0.812   1.00 0.00 ? 5  DC  A "H4'"  1 
ATOM   147 H "H3'"  . DC  A 1 5  ? 7.052   -5.625  0.013   1.00 0.00 ? 5  DC  A "H3'"  1 
ATOM   148 H "H2'"  . DC  A 1 5  ? 5.373   -4.196  0.406   1.00 0.00 ? 5  DC  A "H2'"  1 
ATOM   149 H "H2''" . DC  A 1 5  ? 6.099   -3.578  1.905   1.00 0.00 ? 5  DC  A "H2''" 1 
ATOM   150 H "H1'"  . DC  A 1 5  ? 7.056   -1.772  0.874   1.00 0.00 ? 5  DC  A "H1'"  1 
ATOM   151 H H41    . DC  A 1 5  ? 2.439   0.290   -2.994  1.00 0.00 ? 5  DC  A H41    1 
ATOM   152 H H42    . DC  A 1 5  ? 2.502   -1.179  -3.964  1.00 0.00 ? 5  DC  A H42    1 
ATOM   153 H H5     . DC  A 1 5  ? 4.069   -2.969  -3.534  1.00 0.00 ? 5  DC  A H5     1 
ATOM   154 H H6     . DC  A 1 5  ? 5.845   -3.740  -2.010  1.00 0.00 ? 5  DC  A H6     1 
ATOM   155 P P      . DG  A 1 6  ? 7.018   -6.606  2.636   1.00 0.00 ? 6  DG  A P      1 
ATOM   156 O OP1    . DG  A 1 6  ? 7.916   -7.179  3.660   1.00 0.00 ? 6  DG  A OP1    1 
ATOM   157 O OP2    . DG  A 1 6  ? 6.446   -7.472  1.583   1.00 0.00 ? 6  DG  A OP2    1 
ATOM   158 O "O5'"  . DG  A 1 6  ? 5.798   -5.873  3.404   1.00 0.00 ? 6  DG  A "O5'"  1 
ATOM   159 C "C5'"  . DG  A 1 6  ? 6.073   -4.993  4.479   1.00 0.00 ? 6  DG  A "C5'"  1 
ATOM   160 C "C4'"  . DG  A 1 6  ? 4.830   -4.376  5.134   1.00 0.00 ? 6  DG  A "C4'"  1 
ATOM   161 O "O4'"  . DG  A 1 6  ? 3.958   -3.739  4.205   1.00 0.00 ? 6  DG  A "O4'"  1 
ATOM   162 C "C3'"  . DG  A 1 6  ? 3.969   -5.321  5.995   1.00 0.00 ? 6  DG  A "C3'"  1 
ATOM   163 O "O3'"  . DG  A 1 6  ? 3.942   -4.754  7.300   1.00 0.00 ? 6  DG  A "O3'"  1 
ATOM   164 C "C2'"  . DG  A 1 6  ? 2.614   -5.239  5.298   1.00 0.00 ? 6  DG  A "C2'"  1 
ATOM   165 C "C1'"  . DG  A 1 6  ? 2.674   -3.812  4.787   1.00 0.00 ? 6  DG  A "C1'"  1 
ATOM   166 N N9     . DG  A 1 6  ? 1.616   -3.560  3.800   1.00 0.00 ? 6  DG  A N9     1 
ATOM   167 C C8     . DG  A 1 6  ? 1.420   -4.197  2.616   1.00 0.00 ? 6  DG  A C8     1 
ATOM   168 N N7     . DG  A 1 6  ? 0.403   -3.771  1.908   1.00 0.00 ? 6  DG  A N7     1 
ATOM   169 C C5     . DG  A 1 6  ? -0.163  -2.781  2.744   1.00 0.00 ? 6  DG  A C5     1 
ATOM   170 C C6     . DG  A 1 6  ? -1.333  -1.949  2.617   1.00 0.00 ? 6  DG  A C6     1 
ATOM   171 O O6     . DG  A 1 6  ? -2.201  -1.968  1.750   1.00 0.00 ? 6  DG  A O6     1 
ATOM   172 N N1     . DG  A 1 6  ? -1.470  -1.021  3.659   1.00 0.00 ? 6  DG  A N1     1 
ATOM   173 C C2     . DG  A 1 6  ? -0.592  -0.914  4.733   1.00 0.00 ? 6  DG  A C2     1 
ATOM   174 N N2     . DG  A 1 6  ? -0.831  0.013   5.676   1.00 0.00 ? 6  DG  A N2     1 
ATOM   175 N N3     . DG  A 1 6  ? 0.467   -1.725  4.883   1.00 0.00 ? 6  DG  A N3     1 
ATOM   176 C C4     . DG  A 1 6  ? 0.623   -2.622  3.871   1.00 0.00 ? 6  DG  A C4     1 
ATOM   177 H "H5'"  . DG  A 1 6  ? 6.701   -4.184  4.109   1.00 0.00 ? 6  DG  A "H5'"  1 
ATOM   178 H "H5''" . DG  A 1 6  ? 6.637   -5.532  5.243   1.00 0.00 ? 6  DG  A "H5''" 1 
ATOM   179 H "H4'"  . DG  A 1 6  ? 5.203   -3.601  5.803   1.00 0.00 ? 6  DG  A "H4'"  1 
ATOM   180 H "H3'"  . DG  A 1 6  ? 4.351   -6.344  6.007   1.00 0.00 ? 6  DG  A "H3'"  1 
ATOM   181 H "H2'"  . DG  A 1 6  ? 2.587   -5.955  4.475   1.00 0.00 ? 6  DG  A "H2'"  1 
ATOM   182 H "H2''" . DG  A 1 6  ? 1.765   -5.391  5.962   1.00 0.00 ? 6  DG  A "H2''" 1 
ATOM   183 H "H1'"  . DG  A 1 6  ? 2.604   -3.121  5.632   1.00 0.00 ? 6  DG  A "H1'"  1 
ATOM   184 H H8     . DG  A 1 6  ? 2.105   -4.958  2.272   1.00 0.00 ? 6  DG  A H8     1 
ATOM   185 H H1     . DG  A 1 6  ? -2.286  -0.427  3.636   1.00 0.00 ? 6  DG  A H1     1 
ATOM   186 H H21    . DG  A 1 6  ? -1.635  0.624   5.642   1.00 0.00 ? 6  DG  A H21    1 
ATOM   187 H H22    . DG  A 1 6  ? -0.216  0.068   6.480   1.00 0.00 ? 6  DG  A H22    1 
ATOM   188 P P      . DA  A 1 7  ? 3.022   -5.301  8.507   1.00 0.00 ? 7  DA  A P      1 
ATOM   189 O OP1    . DA  A 1 7  ? 3.813   -5.236  9.750   1.00 0.00 ? 7  DA  A OP1    1 
ATOM   190 O OP2    . DA  A 1 7  ? 2.373   -6.564  8.096   1.00 0.00 ? 7  DA  A OP2    1 
ATOM   191 O "O5'"  . DA  A 1 7  ? 1.887   -4.157  8.563   1.00 0.00 ? 7  DA  A "O5'"  1 
ATOM   192 C "C5'"  . DA  A 1 7  ? 2.206   -2.834  8.966   1.00 0.00 ? 7  DA  A "C5'"  1 
ATOM   193 C "C4'"  . DA  A 1 7  ? 0.992   -2.080  9.526   1.00 0.00 ? 7  DA  A "C4'"  1 
ATOM   194 O "O4'"  . DA  A 1 7  ? 0.038   -1.815  8.502   1.00 0.00 ? 7  DA  A "O4'"  1 
ATOM   195 C "C3'"  . DA  A 1 7  ? 0.296   -2.849  10.655  1.00 0.00 ? 7  DA  A "C3'"  1 
ATOM   196 O "O3'"  . DA  A 1 7  ? -0.077  -1.906  11.643  1.00 0.00 ? 7  DA  A "O3'"  1 
ATOM   197 C "C2'"  . DA  A 1 7  ? -0.878  -3.492  9.921   1.00 0.00 ? 7  DA  A "C2'"  1 
ATOM   198 C "C1'"  . DA  A 1 7  ? -1.172  -2.501  8.790   1.00 0.00 ? 7  DA  A "C1'"  1 
ATOM   199 N N9     . DA  A 1 7  ? -1.633  -3.157  7.541   1.00 0.00 ? 7  DA  A N9     1 
ATOM   200 C C8     . DA  A 1 7  ? -1.092  -4.245  6.895   1.00 0.00 ? 7  DA  A C8     1 
ATOM   201 N N7     . DA  A 1 7  ? -1.691  -4.559  5.775   1.00 0.00 ? 7  DA  A N7     1 
ATOM   202 C C5     . DA  A 1 7  ? -2.703  -3.600  5.669   1.00 0.00 ? 7  DA  A C5     1 
ATOM   203 C C6     . DA  A 1 7  ? -3.699  -3.308  4.704   1.00 0.00 ? 7  DA  A C6     1 
ATOM   204 N N6     . DA  A 1 7  ? -3.887  -3.979  3.579   1.00 0.00 ? 7  DA  A N6     1 
ATOM   205 N N1     . DA  A 1 7  ? -4.503  -2.249  4.857   1.00 0.00 ? 7  DA  A N1     1 
ATOM   206 C C2     . DA  A 1 7  ? -4.370  -1.513  5.955   1.00 0.00 ? 7  DA  A C2     1 
ATOM   207 N N3     . DA  A 1 7  ? -3.486  -1.667  6.936   1.00 0.00 ? 7  DA  A N3     1 
ATOM   208 C C4     . DA  A 1 7  ? -2.670  -2.739  6.736   1.00 0.00 ? 7  DA  A C4     1 
ATOM   209 H "H5'"  . DA  A 1 7  ? 2.619   -2.283  8.121   1.00 0.00 ? 7  DA  A "H5'"  1 
ATOM   210 H "H5''" . DA  A 1 7  ? 2.960   -2.872  9.754   1.00 0.00 ? 7  DA  A "H5''" 1 
ATOM   211 H "H4'"  . DA  A 1 7  ? 1.349   -1.132  9.930   1.00 0.00 ? 7  DA  A "H4'"  1 
ATOM   212 H "H3'"  . DA  A 1 7  ? 0.950   -3.608  11.091  1.00 0.00 ? 7  DA  A "H3'"  1 
ATOM   213 H "H2'"  . DA  A 1 7  ? -0.550  -4.455  9.533   1.00 0.00 ? 7  DA  A "H2'"  1 
ATOM   214 H "H2''" . DA  A 1 7  ? -1.741  -3.637  10.569  1.00 0.00 ? 7  DA  A "H2''" 1 
ATOM   215 H "H1'"  . DA  A 1 7  ? -1.923  -1.784  9.137   1.00 0.00 ? 7  DA  A "H1'"  1 
ATOM   216 H H8     . DA  A 1 7  ? -0.232  -4.781  7.282   1.00 0.00 ? 7  DA  A H8     1 
ATOM   217 H H61    . DA  A 1 7  ? -4.625  -3.666  2.951   1.00 0.00 ? 7  DA  A H61    1 
ATOM   218 H H62    . DA  A 1 7  ? -3.332  -4.802  3.414   1.00 0.00 ? 7  DA  A H62    1 
ATOM   219 H H2     . DA  A 1 7  ? -5.059  -0.686  6.058   1.00 0.00 ? 7  DA  A H2     1 
ATOM   220 P P      . DT  A 1 8  ? -0.899  -2.300  12.974  1.00 0.00 ? 8  DT  A P      1 
ATOM   221 O OP1    . DT  A 1 8  ? -0.501  -1.377  14.056  1.00 0.00 ? 8  DT  A OP1    1 
ATOM   222 O OP2    . DT  A 1 8  ? -0.845  -3.763  13.170  1.00 0.00 ? 8  DT  A OP2    1 
ATOM   223 O "O5'"  . DT  A 1 8  ? -2.379  -1.909  12.487  1.00 0.00 ? 8  DT  A "O5'"  1 
ATOM   224 C "C5'"  . DT  A 1 8  ? -2.664  -0.575  12.107  1.00 0.00 ? 8  DT  A "C5'"  1 
ATOM   225 C "C4'"  . DT  A 1 8  ? -4.131  -0.381  11.732  1.00 0.00 ? 8  DT  A "C4'"  1 
ATOM   226 O "O4'"  . DT  A 1 8  ? -4.358  -0.977  10.466  1.00 0.00 ? 8  DT  A "O4'"  1 
ATOM   227 C "C3'"  . DT  A 1 8  ? -5.129  -0.981  12.735  1.00 0.00 ? 8  DT  A "C3'"  1 
ATOM   228 O "O3'"  . DT  A 1 8  ? -6.082  0.019   13.052  1.00 0.00 ? 8  DT  A "O3'"  1 
ATOM   229 C "C2'"  . DT  A 1 8  ? -5.731  -2.139  11.945  1.00 0.00 ? 8  DT  A "C2'"  1 
ATOM   230 C "C1'"  . DT  A 1 8  ? -5.606  -1.630  10.509  1.00 0.00 ? 8  DT  A "C1'"  1 
ATOM   231 N N1     . DT  A 1 8  ? -5.613  -2.698  9.478   1.00 0.00 ? 8  DT  A N1     1 
ATOM   232 C C2     . DT  A 1 8  ? -6.456  -2.541  8.374   1.00 0.00 ? 8  DT  A C2     1 
ATOM   233 O O2     . DT  A 1 8  ? -7.228  -1.600  8.227   1.00 0.00 ? 8  DT  A O2     1 
ATOM   234 N N3     . DT  A 1 8  ? -6.405  -3.529  7.419   1.00 0.00 ? 8  DT  A N3     1 
ATOM   235 C C4     . DT  A 1 8  ? -5.596  -4.645  7.440   1.00 0.00 ? 8  DT  A C4     1 
ATOM   236 O O4     . DT  A 1 8  ? -5.644  -5.417  6.487   1.00 0.00 ? 8  DT  A O4     1 
ATOM   237 C C5     . DT  A 1 8  ? -4.751  -4.757  8.629   1.00 0.00 ? 8  DT  A C5     1 
ATOM   238 C C7     . DT  A 1 8  ? -3.822  -5.939  8.836   1.00 0.00 ? 8  DT  A C7     1 
ATOM   239 C C6     . DT  A 1 8  ? -4.780  -3.794  9.585   1.00 0.00 ? 8  DT  A C6     1 
ATOM   240 H "H5'"  . DT  A 1 8  ? -2.051  -0.313  11.243  1.00 0.00 ? 8  DT  A "H5'"  1 
ATOM   241 H "H5''" . DT  A 1 8  ? -2.413  0.095   12.929  1.00 0.00 ? 8  DT  A "H5''" 1 
ATOM   242 H "H4'"  . DT  A 1 8  ? -4.323  0.690   11.652  1.00 0.00 ? 8  DT  A "H4'"  1 
ATOM   243 H "H3'"  . DT  A 1 8  ? -4.634  -1.340  13.640  1.00 0.00 ? 8  DT  A "H3'"  1 
ATOM   244 H "H2'"  . DT  A 1 8  ? -5.124  -3.024  12.122  1.00 0.00 ? 8  DT  A "H2'"  1 
ATOM   245 H "H2''" . DT  A 1 8  ? -6.762  -2.342  12.218  1.00 0.00 ? 8  DT  A "H2''" 1 
ATOM   246 H "H1'"  . DT  A 1 8  ? -6.401  -0.901  10.320  1.00 0.00 ? 8  DT  A "H1'"  1 
ATOM   247 H H3     . DT  A 1 8  ? -7.041  -3.415  6.635   1.00 0.00 ? 8  DT  A H3     1 
ATOM   248 H H71    . DT  A 1 8  ? -4.173  -6.530  9.683   1.00 0.00 ? 8  DT  A H71    1 
ATOM   249 H H72    . DT  A 1 8  ? -2.813  -5.585  9.047   1.00 0.00 ? 8  DT  A H72    1 
ATOM   250 H H73    . DT  A 1 8  ? -3.795  -6.569  7.946   1.00 0.00 ? 8  DT  A H73    1 
ATOM   251 H H6     . DT  A 1 8  ? -4.121  -3.874  10.440  1.00 0.00 ? 8  DT  A H6     1 
ATOM   252 P P      . DC  A 1 9  ? -7.323  -0.238  14.050  1.00 0.00 ? 9  DC  A P      1 
ATOM   253 O OP1    . DC  A 1 9  ? -7.531  0.989   14.848  1.00 0.00 ? 9  DC  A OP1    1 
ATOM   254 O OP2    . DC  A 1 9  ? -7.155  -1.546  14.717  1.00 0.00 ? 9  DC  A OP2    1 
ATOM   255 O "O5'"  . DC  A 1 9  ? -8.516  -0.370  12.976  1.00 0.00 ? 9  DC  A "O5'"  1 
ATOM   256 C "C5'"  . DC  A 1 9  ? -8.902  0.758   12.208  1.00 0.00 ? 9  DC  A "C5'"  1 
ATOM   257 C "C4'"  . DC  A 1 9  ? -10.176 0.531   11.388  1.00 0.00 ? 9  DC  A "C4'"  1 
ATOM   258 O "O4'"  . DC  A 1 9  ? -9.893  -0.327  10.288  1.00 0.00 ? 9  DC  A "O4'"  1 
ATOM   259 C "C3'"  . DC  A 1 9  ? -11.331 -0.070  12.196  1.00 0.00 ? 9  DC  A "C3'"  1 
ATOM   260 O "O3'"  . DC  A 1 9  ? -12.515 0.637   11.857  1.00 0.00 ? 9  DC  A "O3'"  1 
ATOM   261 C "C2'"  . DC  A 1 9  ? -11.324 -1.514  11.710  1.00 0.00 ? 9  DC  A "C2'"  1 
ATOM   262 C "C1'"  . DC  A 1 9  ? -10.823 -1.395  10.264  1.00 0.00 ? 9  DC  A "C1'"  1 
ATOM   263 N N1     . DC  A 1 9  ? -10.125 -2.616  9.765   1.00 0.00 ? 9  DC  A N1     1 
ATOM   264 C C2     . DC  A 1 9  ? -10.506 -3.216  8.553   1.00 0.00 ? 9  DC  A C2     1 
ATOM   265 O O2     . DC  A 1 9  ? -11.355 -2.728  7.806   1.00 0.00 ? 9  DC  A O2     1 
ATOM   266 N N3     . DC  A 1 9  ? -9.942  -4.392  8.175   1.00 0.00 ? 9  DC  A N3     1 
ATOM   267 C C4     . DC  A 1 9  ? -8.994  -4.930  8.925   1.00 0.00 ? 9  DC  A C4     1 
ATOM   268 N N4     . DC  A 1 9  ? -8.483  -6.064  8.521   1.00 0.00 ? 9  DC  A N4     1 
ATOM   269 C C5     . DC  A 1 9  ? -8.514  -4.322  10.119  1.00 0.00 ? 9  DC  A C5     1 
ATOM   270 C C6     . DC  A 1 9  ? -9.097  -3.158  10.498  1.00 0.00 ? 9  DC  A C6     1 
ATOM   271 H "H5'"  . DC  A 1 9  ? -8.091  1.024   11.529  1.00 0.00 ? 9  DC  A "H5'"  1 
ATOM   272 H "H5''" . DC  A 1 9  ? -9.077  1.598   12.883  1.00 0.00 ? 9  DC  A "H5''" 1 
ATOM   273 H "H4'"  . DC  A 1 9  ? -10.499 1.497   11.001  1.00 0.00 ? 9  DC  A "H4'"  1 
ATOM   274 H "H3'"  . DC  A 1 9  ? -11.148 -0.015  13.273  1.00 0.00 ? 9  DC  A "H3'"  1 
ATOM   275 H "H2'"  . DC  A 1 9  ? -10.639 -2.080  12.338  1.00 0.00 ? 9  DC  A "H2'"  1 
ATOM   276 H "H2''" . DC  A 1 9  ? -12.311 -1.957  11.763  1.00 0.00 ? 9  DC  A "H2''" 1 
ATOM   277 H "H1'"  . DC  A 1 9  ? -11.667 -1.135  9.616   1.00 0.00 ? 9  DC  A "H1'"  1 
ATOM   278 H H41    . DC  A 1 9  ? -8.834  -6.444  7.637   1.00 0.00 ? 9  DC  A H41    1 
ATOM   279 H H42    . DC  A 1 9  ? -7.811  -6.552  9.077   1.00 0.00 ? 9  DC  A H42    1 
ATOM   280 H H5     . DC  A 1 9  ? -7.718  -4.746  10.710  1.00 0.00 ? 9  DC  A H5     1 
ATOM   281 H H6     . DC  A 1 9  ? -8.766  -2.632  11.386  1.00 0.00 ? 9  DC  A H6     1 
ATOM   282 P P      . DT  A 1 10 ? -13.959 0.289   12.489  1.00 0.00 ? 10 DT  A P      1 
ATOM   283 O OP1    . DT  A 1 10 ? -14.822 1.482   12.376  1.00 0.00 ? 10 DT  A OP1    1 
ATOM   284 O OP2    . DT  A 1 10 ? -13.774 -0.387  13.791  1.00 0.00 ? 10 DT  A OP2    1 
ATOM   285 O "O5'"  . DT  A 1 10 ? -14.480 -0.803  11.434  1.00 0.00 ? 10 DT  A "O5'"  1 
ATOM   286 C "C5'"  . DT  A 1 10 ? -14.725 -0.452  10.084  1.00 0.00 ? 10 DT  A "C5'"  1 
ATOM   287 C "C4'"  . DT  A 1 10 ? -15.091 -1.699  9.277   1.00 0.00 ? 10 DT  A "C4'"  1 
ATOM   288 O "O4'"  . DT  A 1 10 ? -13.977 -2.580  9.210   1.00 0.00 ? 10 DT  A "O4'"  1 
ATOM   289 C "C3'"  . DT  A 1 10 ? -16.257 -2.483  9.906   1.00 0.00 ? 10 DT  A "C3'"  1 
ATOM   290 O "O3'"  . DT  A 1 10 ? -17.279 -2.745  8.959   1.00 0.00 ? 10 DT  A "O3'"  1 
ATOM   291 C "C2'"  . DT  A 1 10 ? -15.595 -3.795  10.310  1.00 0.00 ? 10 DT  A "C2'"  1 
ATOM   292 C "C1'"  . DT  A 1 10 ? -14.483 -3.896  9.270   1.00 0.00 ? 10 DT  A "C1'"  1 
ATOM   293 N N1     . DT  A 1 10 ? -13.427 -4.882  9.625   1.00 0.00 ? 10 DT  A N1     1 
ATOM   294 C C2     . DT  A 1 10 ? -13.233 -5.969  8.771   1.00 0.00 ? 10 DT  A C2     1 
ATOM   295 O O2     . DT  A 1 10 ? -13.892 -6.164  7.755   1.00 0.00 ? 10 DT  A O2     1 
ATOM   296 N N3     . DT  A 1 10 ? -12.262 -6.872  9.136   1.00 0.00 ? 10 DT  A N3     1 
ATOM   297 C C4     . DT  A 1 10 ? -11.477 -6.824  10.266  1.00 0.00 ? 10 DT  A C4     1 
ATOM   298 O O4     . DT  A 1 10 ? -10.657 -7.724  10.442  1.00 0.00 ? 10 DT  A O4     1 
ATOM   299 C C5     . DT  A 1 10 ? -11.747 -5.675  11.134  1.00 0.00 ? 10 DT  A C5     1 
ATOM   300 C C7     . DT  A 1 10 ? -10.985 -5.487  12.438  1.00 0.00 ? 10 DT  A C7     1 
ATOM   301 C C6     . DT  A 1 10 ? -12.697 -4.764  10.790  1.00 0.00 ? 10 DT  A C6     1 
ATOM   302 H "H5'"  . DT  A 1 10 ? -13.837 0.009   9.650   1.00 0.00 ? 10 DT  A "H5'"  1 
ATOM   303 H "H5''" . DT  A 1 10 ? -15.547 0.264   10.044  1.00 0.00 ? 10 DT  A "H5''" 1 
ATOM   304 H "H4'"  . DT  A 1 10 ? -15.364 -1.398  8.264   1.00 0.00 ? 10 DT  A "H4'"  1 
ATOM   305 H "H3'"  . DT  A 1 10 ? -16.658 -1.976  10.788  1.00 0.00 ? 10 DT  A "H3'"  1 
ATOM   306 H "HO3'" . DT  A 1 10 ? -17.883 -1.996  8.927   1.00 0.00 ? 10 DT  A "HO3'" 1 
ATOM   307 H "H2'"  . DT  A 1 10 ? -15.181 -3.689  11.314  1.00 0.00 ? 10 DT  A "H2'"  1 
ATOM   308 H "H2''" . DT  A 1 10 ? -16.282 -4.639  10.259  1.00 0.00 ? 10 DT  A "H2''" 1 
ATOM   309 H "H1'"  . DT  A 1 10 ? -14.929 -4.150  8.303   1.00 0.00 ? 10 DT  A "H1'"  1 
ATOM   310 H H3     . DT  A 1 10 ? -12.149 -7.667  8.518   1.00 0.00 ? 10 DT  A H3     1 
ATOM   311 H H71    . DT  A 1 10 ? -11.352 -4.614  12.980  1.00 0.00 ? 10 DT  A H71    1 
ATOM   312 H H72    . DT  A 1 10 ? -9.925  -5.349  12.231  1.00 0.00 ? 10 DT  A H72    1 
ATOM   313 H H73    . DT  A 1 10 ? -11.108 -6.369  13.066  1.00 0.00 ? 10 DT  A H73    1 
ATOM   314 H H6     . DT  A 1 10 ? -12.905 -3.926  11.436  1.00 0.00 ? 10 DT  A H6     1 
ATOM   315 O "O5'"  . DA  B 2 1  ? -15.446 -14.855 3.219   1.00 0.00 ? 11 DA  B "O5'"  1 
ATOM   316 C "C5'"  . DA  B 2 1  ? -14.467 -14.771 2.200   1.00 0.00 ? 11 DA  B "C5'"  1 
ATOM   317 C "C4'"  . DA  B 2 1  ? -13.989 -13.322 2.127   1.00 0.00 ? 11 DA  B "C4'"  1 
ATOM   318 O "O4'"  . DA  B 2 1  ? -13.419 -12.953 3.370   1.00 0.00 ? 11 DA  B "O4'"  1 
ATOM   319 C "C3'"  . DA  B 2 1  ? -12.921 -13.046 1.062   1.00 0.00 ? 11 DA  B "C3'"  1 
ATOM   320 O "O3'"  . DA  B 2 1  ? -13.580 -12.504 -0.071  1.00 0.00 ? 11 DA  B "O3'"  1 
ATOM   321 C "C2'"  . DA  B 2 1  ? -11.960 -12.091 1.787   1.00 0.00 ? 11 DA  B "C2'"  1 
ATOM   322 C "C1'"  . DA  B 2 1  ? -12.651 -11.798 3.117   1.00 0.00 ? 11 DA  B "C1'"  1 
ATOM   323 N N9     . DA  B 2 1  ? -11.744 -11.534 4.259   1.00 0.00 ? 11 DA  B N9     1 
ATOM   324 C C8     . DA  B 2 1  ? -10.535 -12.105 4.586   1.00 0.00 ? 11 DA  B C8     1 
ATOM   325 N N7     . DA  B 2 1  ? -10.022 -11.679 5.710   1.00 0.00 ? 11 DA  B N7     1 
ATOM   326 C C5     . DA  B 2 1  ? -10.956 -10.732 6.148   1.00 0.00 ? 11 DA  B C5     1 
ATOM   327 C C6     . DA  B 2 1  ? -11.069 -9.884  7.278   1.00 0.00 ? 11 DA  B C6     1 
ATOM   328 N N6     . DA  B 2 1  ? -10.204 -9.816  8.279   1.00 0.00 ? 11 DA  B N6     1 
ATOM   329 N N1     . DA  B 2 1  ? -12.133 -9.088  7.417   1.00 0.00 ? 11 DA  B N1     1 
ATOM   330 C C2     . DA  B 2 1  ? -13.065 -9.097  6.470   1.00 0.00 ? 11 DA  B C2     1 
ATOM   331 N N3     . DA  B 2 1  ? -13.095 -9.832  5.367   1.00 0.00 ? 11 DA  B N3     1 
ATOM   332 C C4     . DA  B 2 1  ? -12.003 -10.638 5.266   1.00 0.00 ? 11 DA  B C4     1 
ATOM   333 H "H5'"  . DA  B 2 1  ? -14.900 -15.068 1.243   1.00 0.00 ? 11 DA  B "H5'"  1 
ATOM   334 H "H5''" . DA  B 2 1  ? -13.627 -15.423 2.441   1.00 0.00 ? 11 DA  B "H5''" 1 
ATOM   335 H "H4'"  . DA  B 2 1  ? -14.847 -12.677 1.923   1.00 0.00 ? 11 DA  B "H4'"  1 
ATOM   336 H "H3'"  . DA  B 2 1  ? -12.389 -13.959 0.789   1.00 0.00 ? 11 DA  B "H3'"  1 
ATOM   337 H "H2'"  . DA  B 2 1  ? -11.010 -12.601 1.932   1.00 0.00 ? 11 DA  B "H2'"  1 
ATOM   338 H "H2''" . DA  B 2 1  ? -11.797 -11.170 1.237   1.00 0.00 ? 11 DA  B "H2''" 1 
ATOM   339 H "H1'"  . DA  B 2 1  ? -13.322 -10.941 2.991   1.00 0.00 ? 11 DA  B "H1'"  1 
ATOM   340 H H8     . DA  B 2 1  ? -10.059 -12.863 3.979   1.00 0.00 ? 11 DA  B H8     1 
ATOM   341 H H61    . DA  B 2 1  ? -10.386 -9.164  9.039   1.00 0.00 ? 11 DA  B H61    1 
ATOM   342 H H62    . DA  B 2 1  ? -9.369  -10.373 8.227   1.00 0.00 ? 11 DA  B H62    1 
ATOM   343 H H2     . DA  B 2 1  ? -13.905 -8.435  6.619   1.00 0.00 ? 11 DA  B H2     1 
ATOM   344 H "HO5'" . DA  B 2 1  ? -15.120 -14.335 3.965   1.00 0.00 ? 11 DA  B "HO5'" 1 
ATOM   345 P P      . DG  B 2 2  ? -12.818 -11.772 -1.295  1.00 0.00 ? 12 DG  B P      1 
ATOM   346 O OP1    . DG  B 2 2  ? -13.597 -11.993 -2.531  1.00 0.00 ? 12 DG  B OP1    1 
ATOM   347 O OP2    . DG  B 2 2  ? -11.379 -12.108 -1.240  1.00 0.00 ? 12 DG  B OP2    1 
ATOM   348 O "O5'"  . DG  B 2 2  ? -13.020 -10.240 -0.835  1.00 0.00 ? 12 DG  B "O5'"  1 
ATOM   349 C "C5'"  . DG  B 2 2  ? -14.328 -9.694  -0.771  1.00 0.00 ? 12 DG  B "C5'"  1 
ATOM   350 C "C4'"  . DG  B 2 2  ? -14.368 -8.277  -0.189  1.00 0.00 ? 12 DG  B "C4'"  1 
ATOM   351 O "O4'"  . DG  B 2 2  ? -13.945 -8.279  1.173   1.00 0.00 ? 12 DG  B "O4'"  1 
ATOM   352 C "C3'"  . DG  B 2 2  ? -13.509 -7.266  -0.958  1.00 0.00 ? 12 DG  B "C3'"  1 
ATOM   353 O "O3'"  . DG  B 2 2  ? -14.315 -6.121  -1.190  1.00 0.00 ? 12 DG  B "O3'"  1 
ATOM   354 C "C2'"  . DG  B 2 2  ? -12.366 -7.033  0.026   1.00 0.00 ? 12 DG  B "C2'"  1 
ATOM   355 C "C1'"  . DG  B 2 2  ? -13.075 -7.179  1.368   1.00 0.00 ? 12 DG  B "C1'"  1 
ATOM   356 N N9     . DG  B 2 2  ? -12.111 -7.459  2.453   1.00 0.00 ? 12 DG  B N9     1 
ATOM   357 C C8     . DG  B 2 2  ? -11.182 -8.464  2.492   1.00 0.00 ? 12 DG  B C8     1 
ATOM   358 N N7     . DG  B 2 2  ? -10.399 -8.441  3.530   1.00 0.00 ? 12 DG  B N7     1 
ATOM   359 C C5     . DG  B 2 2  ? -10.837 -7.322  4.240   1.00 0.00 ? 12 DG  B C5     1 
ATOM   360 C C6     . DG  B 2 2  ? -10.353 -6.738  5.458   1.00 0.00 ? 12 DG  B C6     1 
ATOM   361 O O6     . DG  B 2 2  ? -9.432  -7.104  6.182   1.00 0.00 ? 12 DG  B O6     1 
ATOM   362 N N1     . DG  B 2 2  ? -11.031 -5.591  5.825   1.00 0.00 ? 12 DG  B N1     1 
ATOM   363 C C2     . DG  B 2 2  ? -12.067 -5.060  5.118   1.00 0.00 ? 12 DG  B C2     1 
ATOM   364 N N2     . DG  B 2 2  ? -12.533 -3.906  5.537   1.00 0.00 ? 12 DG  B N2     1 
ATOM   365 N N3     . DG  B 2 2  ? -12.546 -5.574  3.980   1.00 0.00 ? 12 DG  B N3     1 
ATOM   366 C C4     . DG  B 2 2  ? -11.889 -6.711  3.591   1.00 0.00 ? 12 DG  B C4     1 
ATOM   367 H "H5'"  . DG  B 2 2  ? -14.954 -10.334 -0.148  1.00 0.00 ? 12 DG  B "H5'"  1 
ATOM   368 H "H5''" . DG  B 2 2  ? -14.751 -9.678  -1.777  1.00 0.00 ? 12 DG  B "H5''" 1 
ATOM   369 H "H4'"  . DG  B 2 2  ? -15.404 -7.936  -0.229  1.00 0.00 ? 12 DG  B "H4'"  1 
ATOM   370 H "H3'"  . DG  B 2 2  ? -13.137 -7.672  -1.902  1.00 0.00 ? 12 DG  B "H3'"  1 
ATOM   371 H "H2'"  . DG  B 2 2  ? -11.623 -7.818  -0.114  1.00 0.00 ? 12 DG  B "H2'"  1 
ATOM   372 H "H2''" . DG  B 2 2  ? -11.895 -6.061  -0.084  1.00 0.00 ? 12 DG  B "H2''" 1 
ATOM   373 H "H1'"  . DG  B 2 2  ? -13.646 -6.274  1.588   1.00 0.00 ? 12 DG  B "H1'"  1 
ATOM   374 H H8     . DG  B 2 2  ? -11.108 -9.201  1.707   1.00 0.00 ? 12 DG  B H8     1 
ATOM   375 H H1     . DG  B 2 2  ? -10.689 -5.107  6.648   1.00 0.00 ? 12 DG  B H1     1 
ATOM   376 H H21    . DG  B 2 2  ? -12.127 -3.427  6.349   1.00 0.00 ? 12 DG  B H21    1 
ATOM   377 H H22    . DG  B 2 2  ? -13.218 -3.475  4.943   1.00 0.00 ? 12 DG  B H22    1 
ATOM   378 P P      . DA  B 2 3  ? -13.734 -4.736  -1.765  1.00 0.00 ? 13 DA  B P      1 
ATOM   379 O OP1    . DA  B 2 3  ? -14.818 -4.036  -2.483  1.00 0.00 ? 13 DA  B OP1    1 
ATOM   380 O OP2    . DA  B 2 3  ? -12.431 -4.982  -2.419  1.00 0.00 ? 13 DA  B OP2    1 
ATOM   381 O "O5'"  . DA  B 2 3  ? -13.454 -3.969  -0.382  1.00 0.00 ? 13 DA  B "O5'"  1 
ATOM   382 C "C5'"  . DA  B 2 3  ? -14.519 -3.611  0.485   1.00 0.00 ? 13 DA  B "C5'"  1 
ATOM   383 C "C4'"  . DA  B 2 3  ? -14.196 -2.352  1.298   1.00 0.00 ? 13 DA  B "C4'"  1 
ATOM   384 O "O4'"  . DA  B 2 3  ? -13.243 -2.638  2.312   1.00 0.00 ? 13 DA  B "O4'"  1 
ATOM   385 C "C3'"  . DA  B 2 3  ? -13.638 -1.224  0.427   1.00 0.00 ? 13 DA  B "C3'"  1 
ATOM   386 O "O3'"  . DA  B 2 3  ? -14.150 -0.001  0.923   1.00 0.00 ? 13 DA  B "O3'"  1 
ATOM   387 C "C2'"  . DA  B 2 3  ? -12.134 -1.384  0.624   1.00 0.00 ? 13 DA  B "C2'"  1 
ATOM   388 C "C1'"  . DA  B 2 3  ? -12.045 -1.922  2.056   1.00 0.00 ? 13 DA  B "C1'"  1 
ATOM   389 N N9     . DA  B 2 3  ? -10.912 -2.849  2.291   1.00 0.00 ? 13 DA  B N9     1 
ATOM   390 C C8     . DA  B 2 3  ? -10.513 -3.926  1.536   1.00 0.00 ? 13 DA  B C8     1 
ATOM   391 N N7     . DA  B 2 3  ? -9.514  -4.600  2.041   1.00 0.00 ? 13 DA  B N7     1 
ATOM   392 C C5     . DA  B 2 3  ? -9.239  -3.918  3.230   1.00 0.00 ? 13 DA  B C5     1 
ATOM   393 C C6     . DA  B 2 3  ? -8.305  -4.094  4.277   1.00 0.00 ? 13 DA  B C6     1 
ATOM   394 N N6     . DA  B 2 3  ? -7.418  -5.076  4.327   1.00 0.00 ? 13 DA  B N6     1 
ATOM   395 N N1     . DA  B 2 3  ? -8.279  -3.247  5.310   1.00 0.00 ? 13 DA  B N1     1 
ATOM   396 C C2     . DA  B 2 3  ? -9.159  -2.250  5.334   1.00 0.00 ? 13 DA  B C2     1 
ATOM   397 N N3     . DA  B 2 3  ? -10.089 -1.968  4.427   1.00 0.00 ? 13 DA  B N3     1 
ATOM   398 C C4     . DA  B 2 3  ? -10.082 -2.850  3.389   1.00 0.00 ? 13 DA  B C4     1 
ATOM   399 H "H5'"  . DA  B 2 3  ? -14.733 -4.436  1.163   1.00 0.00 ? 13 DA  B "H5'"  1 
ATOM   400 H "H5''" . DA  B 2 3  ? -15.413 -3.408  -0.105  1.00 0.00 ? 13 DA  B "H5''" 1 
ATOM   401 H "H4'"  . DA  B 2 3  ? -15.120 -2.009  1.764   1.00 0.00 ? 13 DA  B "H4'"  1 
ATOM   402 H "H3'"  . DA  B 2 3  ? -13.919 -1.353  -0.623  1.00 0.00 ? 13 DA  B "H3'"  1 
ATOM   403 H "H2'"  . DA  B 2 3  ? -11.756 -2.105  -0.100  1.00 0.00 ? 13 DA  B "H2'"  1 
ATOM   404 H "H2''" . DA  B 2 3  ? -11.608 -0.439  0.508   1.00 0.00 ? 13 DA  B "H2''" 1 
ATOM   405 H "H1'"  . DA  B 2 3  ? -11.978 -1.074  2.744   1.00 0.00 ? 13 DA  B "H1'"  1 
ATOM   406 H H8     . DA  B 2 3  ? -10.996 -4.187  0.604   1.00 0.00 ? 13 DA  B H8     1 
ATOM   407 H H61    . DA  B 2 3  ? -6.797  -5.161  5.133   1.00 0.00 ? 13 DA  B H61    1 
ATOM   408 H H62    . DA  B 2 3  ? -7.439  -5.768  3.597   1.00 0.00 ? 13 DA  B H62    1 
ATOM   409 H H2     . DA  B 2 3  ? -9.105  -1.582  6.183   1.00 0.00 ? 13 DA  B H2     1 
ATOM   410 P P      . DT  B 2 4  ? -13.878 1.405   0.187   1.00 0.00 ? 14 DT  B P      1 
ATOM   411 O OP1    . DT  B 2 4  ? -15.014 2.301   0.485   1.00 0.00 ? 14 DT  B OP1    1 
ATOM   412 O OP2    . DT  B 2 4  ? -13.475 1.142   -1.210  1.00 0.00 ? 14 DT  B OP2    1 
ATOM   413 O "O5'"  . DT  B 2 4  ? -12.589 1.905   1.002   1.00 0.00 ? 14 DT  B "O5'"  1 
ATOM   414 C "C5'"  . DT  B 2 4  ? -12.684 2.283   2.365   1.00 0.00 ? 14 DT  B "C5'"  1 
ATOM   415 C "C4'"  . DT  B 2 4  ? -11.291 2.406   2.993   1.00 0.00 ? 14 DT  B "C4'"  1 
ATOM   416 O "O4'"  . DT  B 2 4  ? -10.625 1.151   3.006   1.00 0.00 ? 14 DT  B "O4'"  1 
ATOM   417 C "C3'"  . DT  B 2 4  ? -10.366 3.377   2.252   1.00 0.00 ? 14 DT  B "C3'"  1 
ATOM   418 O "O3'"  . DT  B 2 4  ? -10.355 4.651   2.878   1.00 0.00 ? 14 DT  B "O3'"  1 
ATOM   419 C "C2'"  . DT  B 2 4  ? -9.008  2.679   2.328   1.00 0.00 ? 14 DT  B "C2'"  1 
ATOM   420 C "C1'"  . DT  B 2 4  ? -9.246  1.426   3.172   1.00 0.00 ? 14 DT  B "C1'"  1 
ATOM   421 N N1     . DT  B 2 4  ? -8.389  0.287   2.733   1.00 0.00 ? 14 DT  B N1     1 
ATOM   422 C C2     . DT  B 2 4  ? -7.331  -0.112  3.559   1.00 0.00 ? 14 DT  B C2     1 
ATOM   423 O O2     . DT  B 2 4  ? -7.078  0.401   4.643   1.00 0.00 ? 14 DT  B O2     1 
ATOM   424 N N3     . DT  B 2 4  ? -6.548  -1.153  3.104   1.00 0.00 ? 14 DT  B N3     1 
ATOM   425 C C4     . DT  B 2 4  ? -6.714  -1.843  1.922   1.00 0.00 ? 14 DT  B C4     1 
ATOM   426 O O4     . DT  B 2 4  ? -5.930  -2.761  1.683   1.00 0.00 ? 14 DT  B O4     1 
ATOM   427 C C5     . DT  B 2 4  ? -7.841  -1.376  1.106   1.00 0.00 ? 14 DT  B C5     1 
ATOM   428 C C7     . DT  B 2 4  ? -8.172  -2.031  -0.225  1.00 0.00 ? 14 DT  B C7     1 
ATOM   429 C C6     . DT  B 2 4  ? -8.622  -0.345  1.530   1.00 0.00 ? 14 DT  B C6     1 
ATOM   430 H "H5'"  . DT  B 2 4  ? -13.251 1.531   2.915   1.00 0.00 ? 14 DT  B "H5'"  1 
ATOM   431 H "H5''" . DT  B 2 4  ? -13.206 3.239   2.438   1.00 0.00 ? 14 DT  B "H5''" 1 
ATOM   432 H "H4'"  . DT  B 2 4  ? -11.402 2.757   4.020   1.00 0.00 ? 14 DT  B "H4'"  1 
ATOM   433 H "H3'"  . DT  B 2 4  ? -10.680 3.459   1.208   1.00 0.00 ? 14 DT  B "H3'"  1 
ATOM   434 H "H2'"  . DT  B 2 4  ? -8.707  2.407   1.318   1.00 0.00 ? 14 DT  B "H2'"  1 
ATOM   435 H "H2''" . DT  B 2 4  ? -8.256  3.312   2.795   1.00 0.00 ? 14 DT  B "H2''" 1 
ATOM   436 H "H1'"  . DT  B 2 4  ? -9.055  1.658   4.223   1.00 0.00 ? 14 DT  B "H1'"  1 
ATOM   437 H H3     . DT  B 2 4  ? -5.820  -1.488  3.726   1.00 0.00 ? 14 DT  B H3     1 
ATOM   438 H H71    . DT  B 2 4  ? -7.872  -3.079  -0.212  1.00 0.00 ? 14 DT  B H71    1 
ATOM   439 H H72    . DT  B 2 4  ? -7.642  -1.516  -1.024  1.00 0.00 ? 14 DT  B H72    1 
ATOM   440 H H73    . DT  B 2 4  ? -9.243  -1.976  -0.421  1.00 0.00 ? 14 DT  B H73    1 
ATOM   441 H H6     . DT  B 2 4  ? -9.453  -0.003  0.928   1.00 0.00 ? 14 DT  B H6     1 
ATOM   442 P P      . DA  B 2 5  ? -9.872  5.990   2.096   1.00 0.00 ? 15 DA  B P      1 
ATOM   443 O OP1    . DA  B 2 5  ? -10.505 7.156   2.746   1.00 0.00 ? 15 DA  B OP1    1 
ATOM   444 O OP2    . DA  B 2 5  ? -10.026 5.773   0.643   1.00 0.00 ? 15 DA  B OP2    1 
ATOM   445 O "O5'"  . DA  B 2 5  ? -8.291  6.069   2.372   1.00 0.00 ? 15 DA  B "O5'"  1 
ATOM   446 C "C5'"  . DA  B 2 5  ? -7.763  6.398   3.647   1.00 0.00 ? 15 DA  B "C5'"  1 
ATOM   447 C "C4'"  . DA  B 2 5  ? -6.268  6.039   3.753   1.00 0.00 ? 15 DA  B "C4'"  1 
ATOM   448 O "O4'"  . DA  B 2 5  ? -6.093  4.709   3.276   1.00 0.00 ? 15 DA  B "O4'"  1 
ATOM   449 C "C3'"  . DA  B 2 5  ? -5.300  6.918   2.949   1.00 0.00 ? 15 DA  B "C3'"  1 
ATOM   450 O "O3'"  . DA  B 2 5  ? -4.004  6.813   3.517   1.00 0.00 ? 15 DA  B "O3'"  1 
ATOM   451 C "C2'"  . DA  B 2 5  ? -5.292  6.221   1.603   1.00 0.00 ? 15 DA  B "C2'"  1 
ATOM   452 C "C1'"  . DA  B 2 5  ? -5.392  4.753   2.039   1.00 0.00 ? 15 DA  B "C1'"  1 
ATOM   453 N N9     . DA  B 2 5  ? -6.029  3.886   1.017   1.00 0.00 ? 15 DA  B N9     1 
ATOM   454 C C8     . DA  B 2 5  ? -6.976  4.213   0.069   1.00 0.00 ? 15 DA  B C8     1 
ATOM   455 N N7     . DA  B 2 5  ? -7.134  3.314   -0.863  1.00 0.00 ? 15 DA  B N7     1 
ATOM   456 C C5     . DA  B 2 5  ? -6.260  2.298   -0.474  1.00 0.00 ? 15 DA  B C5     1 
ATOM   457 C C6     . DA  B 2 5  ? -5.898  1.054   -1.029  1.00 0.00 ? 15 DA  B C6     1 
ATOM   458 N N6     . DA  B 2 5  ? -6.338  0.588   -2.184  1.00 0.00 ? 15 DA  B N6     1 
ATOM   459 N N1     . DA  B 2 5  ? -5.035  0.251   -0.404  1.00 0.00 ? 15 DA  B N1     1 
ATOM   460 C C2     . DA  B 2 5  ? -4.519  0.670   0.744   1.00 0.00 ? 15 DA  B C2     1 
ATOM   461 N N3     . DA  B 2 5  ? -4.750  1.813   1.381   1.00 0.00 ? 15 DA  B N3     1 
ATOM   462 C C4     . DA  B 2 5  ? -5.633  2.604   0.704   1.00 0.00 ? 15 DA  B C4     1 
ATOM   463 H "H5'"  . DA  B 2 5  ? -8.303  5.829   4.403   1.00 0.00 ? 15 DA  B "H5'"  1 
ATOM   464 H "H5''" . DA  B 2 5  ? -7.909  7.462   3.844   1.00 0.00 ? 15 DA  B "H5''" 1 
ATOM   465 H "H4'"  . DA  B 2 5  ? -5.982  6.098   4.802   1.00 0.00 ? 15 DA  B "H4'"  1 
ATOM   466 H "H3'"  . DA  B 2 5  ? -5.640  7.954   2.875   1.00 0.00 ? 15 DA  B "H3'"  1 
ATOM   467 H "H2'"  . DA  B 2 5  ? -6.161  6.547   1.032   1.00 0.00 ? 15 DA  B "H2'"  1 
ATOM   468 H "H2''" . DA  B 2 5  ? -4.376  6.418   1.045   1.00 0.00 ? 15 DA  B "H2''" 1 
ATOM   469 H "H1'"  . DA  B 2 5  ? -4.376  4.391   2.224   1.00 0.00 ? 15 DA  B "H1'"  1 
ATOM   470 H H8     . DA  B 2 5  ? -7.540  5.139   0.080   1.00 0.00 ? 15 DA  B H8     1 
ATOM   471 H H61    . DA  B 2 5  ? -5.935  -0.285  -2.472  1.00 0.00 ? 15 DA  B H61    1 
ATOM   472 H H62    . DA  B 2 5  ? -6.950  1.158   -2.745  1.00 0.00 ? 15 DA  B H62    1 
ATOM   473 H H2     . DA  B 2 5  ? -3.819  0.001   1.222   1.00 0.00 ? 15 DA  B H2     1 
ATOM   474 P P      . DG  B 2 6  ? -3.170  8.092   4.025   1.00 0.00 ? 16 DG  B P      1 
ATOM   475 O OP1    . DG  B 2 6  ? -2.076  7.598   4.886   1.00 0.00 ? 16 DG  B OP1    1 
ATOM   476 O OP2    . DG  B 2 6  ? -4.135  9.082   4.549   1.00 0.00 ? 16 DG  B OP2    1 
ATOM   477 O "O5'"  . DG  B 2 6  ? -2.538  8.668   2.647   1.00 0.00 ? 16 DG  B "O5'"  1 
ATOM   478 C "C5'"  . DG  B 2 6  ? -1.675  7.892   1.828   1.00 0.00 ? 16 DG  B "C5'"  1 
ATOM   479 C "C4'"  . DG  B 2 6  ? -0.220  7.815   2.333   1.00 0.00 ? 16 DG  B "C4'"  1 
ATOM   480 O "O4'"  . DG  B 2 6  ? 0.254   6.516   2.002   1.00 0.00 ? 16 DG  B "O4'"  1 
ATOM   481 C "C3'"  . DG  B 2 6  ? 0.744   8.802   1.655   1.00 0.00 ? 16 DG  B "C3'"  1 
ATOM   482 O "O3'"  . DG  B 2 6  ? 1.852   9.034   2.517   1.00 0.00 ? 16 DG  B "O3'"  1 
ATOM   483 C "C2'"  . DG  B 2 6  ? 1.143   8.018   0.406   1.00 0.00 ? 16 DG  B "C2'"  1 
ATOM   484 C "C1'"  . DG  B 2 6  ? 1.216   6.599   0.968   1.00 0.00 ? 16 DG  B "C1'"  1 
ATOM   485 N N9     . DG  B 2 6  ? 0.971   5.539   -0.037  1.00 0.00 ? 16 DG  B N9     1 
ATOM   486 C C8     . DG  B 2 6  ? -0.003  5.458   -1.003  1.00 0.00 ? 16 DG  B C8     1 
ATOM   487 N N7     . DG  B 2 6  ? 0.094   4.410   -1.775  1.00 0.00 ? 16 DG  B N7     1 
ATOM   488 C C5     . DG  B 2 6  ? 1.206   3.727   -1.275  1.00 0.00 ? 16 DG  B C5     1 
ATOM   489 C C6     . DG  B 2 6  ? 1.838   2.498   -1.675  1.00 0.00 ? 16 DG  B C6     1 
ATOM   490 O O6     . DG  B 2 6  ? 1.570   1.730   -2.595  1.00 0.00 ? 16 DG  B O6     1 
ATOM   491 N N1     . DG  B 2 6  ? 2.914   2.154   -0.878  1.00 0.00 ? 16 DG  B N1     1 
ATOM   492 C C2     . DG  B 2 6  ? 3.348   2.890   0.178   1.00 0.00 ? 16 DG  B C2     1 
ATOM   493 N N2     . DG  B 2 6  ? 4.363   2.426   0.862   1.00 0.00 ? 16 DG  B N2     1 
ATOM   494 N N3     . DG  B 2 6  ? 2.797   4.035   0.573   1.00 0.00 ? 16 DG  B N3     1 
ATOM   495 C C4     . DG  B 2 6  ? 1.731   4.406   -0.195  1.00 0.00 ? 16 DG  B C4     1 
ATOM   496 H "H5'"  . DG  B 2 6  ? -1.687  8.299   0.819   1.00 0.00 ? 16 DG  B "H5'"  1 
ATOM   497 H "H5''" . DG  B 2 6  ? -2.073  6.877   1.779   1.00 0.00 ? 16 DG  B "H5''" 1 
ATOM   498 H "H4'"  . DG  B 2 6  ? -0.196  7.957   3.414   1.00 0.00 ? 16 DG  B "H4'"  1 
ATOM   499 H "H3'"  . DG  B 2 6  ? 0.252   9.745   1.409   1.00 0.00 ? 16 DG  B "H3'"  1 
ATOM   500 H "H2'"  . DG  B 2 6  ? 0.365   8.113   -0.349  1.00 0.00 ? 16 DG  B "H2'"  1 
ATOM   501 H "H2''" . DG  B 2 6  ? 2.103   8.331   -0.002  1.00 0.00 ? 16 DG  B "H2''" 1 
ATOM   502 H "H1'"  . DG  B 2 6  ? 2.206   6.454   1.409   1.00 0.00 ? 16 DG  B "H1'"  1 
ATOM   503 H H8     . DG  B 2 6  ? -0.785  6.197   -1.115  1.00 0.00 ? 16 DG  B H8     1 
ATOM   504 H H1     . DG  B 2 6  ? 3.434   1.321   -1.127  1.00 0.00 ? 16 DG  B H1     1 
ATOM   505 H H21    . DG  B 2 6  ? 4.834   1.547   0.620   1.00 0.00 ? 16 DG  B H21    1 
ATOM   506 H H22    . DG  B 2 6  ? 4.684   3.019   1.603   1.00 0.00 ? 16 DG  B H22    1 
ATOM   507 P P      . DA  B 2 7  ? 3.052   10.052  2.151   1.00 0.00 ? 17 DA  B P      1 
ATOM   508 O OP1    . DA  B 2 7  ? 3.312   10.905  3.330   1.00 0.00 ? 17 DA  B OP1    1 
ATOM   509 O OP2    . DA  B 2 7  ? 2.773   10.668  0.836   1.00 0.00 ? 17 DA  B OP2    1 
ATOM   510 O "O5'"  . DA  B 2 7  ? 4.304   9.053   1.963   1.00 0.00 ? 17 DA  B "O5'"  1 
ATOM   511 C "C5'"  . DA  B 2 7  ? 4.882   8.416   3.092   1.00 0.00 ? 17 DA  B "C5'"  1 
ATOM   512 C "C4'"  . DA  B 2 7  ? 6.136   7.604   2.749   1.00 0.00 ? 17 DA  B "C4'"  1 
ATOM   513 O "O4'"  . DA  B 2 7  ? 5.805   6.524   1.883   1.00 0.00 ? 17 DA  B "O4'"  1 
ATOM   514 C "C3'"  . DA  B 2 7  ? 7.254   8.431   2.102   1.00 0.00 ? 17 DA  B "C3'"  1 
ATOM   515 O "O3'"  . DA  B 2 7  ? 8.463   8.082   2.756   1.00 0.00 ? 17 DA  B "O3'"  1 
ATOM   516 C "C2'"  . DA  B 2 7  ? 7.177   7.989   0.643   1.00 0.00 ? 17 DA  B "C2'"  1 
ATOM   517 C "C1'"  . DA  B 2 7  ? 6.637   6.561   0.737   1.00 0.00 ? 17 DA  B "C1'"  1 
ATOM   518 N N9     . DA  B 2 7  ? 5.813   6.177   -0.431  1.00 0.00 ? 17 DA  B N9     1 
ATOM   519 C C8     . DA  B 2 7  ? 4.767   6.871   -0.994  1.00 0.00 ? 17 DA  B C8     1 
ATOM   520 N N7     . DA  B 2 7  ? 4.189   6.259   -1.993  1.00 0.00 ? 17 DA  B N7     1 
ATOM   521 C C5     . DA  B 2 7  ? 4.903   5.059   -2.087  1.00 0.00 ? 17 DA  B C5     1 
ATOM   522 C C6     . DA  B 2 7  ? 4.807   3.915   -2.912  1.00 0.00 ? 17 DA  B C6     1 
ATOM   523 N N6     . DA  B 2 7  ? 3.899   3.758   -3.864  1.00 0.00 ? 17 DA  B N6     1 
ATOM   524 N N1     . DA  B 2 7  ? 5.624   2.875   -2.726  1.00 0.00 ? 17 DA  B N1     1 
ATOM   525 C C2     . DA  B 2 7  ? 6.538   2.953   -1.764  1.00 0.00 ? 17 DA  B C2     1 
ATOM   526 N N3     . DA  B 2 7  ? 6.754   3.967   -0.929  1.00 0.00 ? 17 DA  B N3     1 
ATOM   527 C C4     . DA  B 2 7  ? 5.888   4.998   -1.136  1.00 0.00 ? 17 DA  B C4     1 
ATOM   528 H "H5'"  . DA  B 2 7  ? 4.145   7.753   3.544   1.00 0.00 ? 17 DA  B "H5'"  1 
ATOM   529 H "H5''" . DA  B 2 7  ? 5.157   9.176   3.825   1.00 0.00 ? 17 DA  B "H5''" 1 
ATOM   530 H "H4'"  . DA  B 2 7  ? 6.523   7.191   3.681   1.00 0.00 ? 17 DA  B "H4'"  1 
ATOM   531 H "H3'"  . DA  B 2 7  ? 7.071   9.505   2.194   1.00 0.00 ? 17 DA  B "H3'"  1 
ATOM   532 H "H2'"  . DA  B 2 7  ? 6.478   8.644   0.124   1.00 0.00 ? 17 DA  B "H2'"  1 
ATOM   533 H "H2''" . DA  B 2 7  ? 8.146   8.021   0.153   1.00 0.00 ? 17 DA  B "H2''" 1 
ATOM   534 H "H1'"  . DA  B 2 7  ? 7.472   5.863   0.860   1.00 0.00 ? 17 DA  B "H1'"  1 
ATOM   535 H H8     . DA  B 2 7  ? 4.452   7.840   -0.628  1.00 0.00 ? 17 DA  B H8     1 
ATOM   536 H H61    . DA  B 2 7  ? 3.872   2.902   -4.419  1.00 0.00 ? 17 DA  B H61    1 
ATOM   537 H H62    . DA  B 2 7  ? 3.232   4.499   -4.005  1.00 0.00 ? 17 DA  B H62    1 
ATOM   538 H H2     . DA  B 2 7  ? 7.185   2.095   -1.647  1.00 0.00 ? 17 DA  B H2     1 
ATOM   539 P P      . DT  B 2 8  ? 9.907   8.655   2.324   1.00 0.00 ? 18 DT  B P      1 
ATOM   540 O OP1    . DT  B 2 8  ? 10.750  8.760   3.532   1.00 0.00 ? 18 DT  B OP1    1 
ATOM   541 O OP2    . DT  B 2 8  ? 9.730   9.815   1.426   1.00 0.00 ? 18 DT  B OP2    1 
ATOM   542 O "O5'"  . DT  B 2 8  ? 10.424  7.410   1.452   1.00 0.00 ? 18 DT  B "O5'"  1 
ATOM   543 C "C5'"  . DT  B 2 8  ? 10.588  6.134   2.050   1.00 0.00 ? 18 DT  B "C5'"  1 
ATOM   544 C "C4'"  . DT  B 2 8  ? 11.286  5.140   1.116   1.00 0.00 ? 18 DT  B "C4'"  1 
ATOM   545 O "O4'"  . DT  B 2 8  ? 10.386  4.780   0.078   1.00 0.00 ? 18 DT  B "O4'"  1 
ATOM   546 C "C3'"  . DT  B 2 8  ? 12.563  5.699   0.472   1.00 0.00 ? 18 DT  B "C3'"  1 
ATOM   547 O "O3'"  . DT  B 2 8  ? 13.527  4.660   0.442   1.00 0.00 ? 18 DT  B "O3'"  1 
ATOM   548 C "C2'"  . DT  B 2 8  ? 12.058  6.106   -0.910  1.00 0.00 ? 18 DT  B "C2'"  1 
ATOM   549 C "C1'"  . DT  B 2 8  ? 11.001  5.030   -1.171  1.00 0.00 ? 18 DT  B "C1'"  1 
ATOM   550 N N1     . DT  B 2 8  ? 9.946   5.394   -2.157  1.00 0.00 ? 18 DT  B N1     1 
ATOM   551 C C2     . DT  B 2 8  ? 9.528   4.406   -3.055  1.00 0.00 ? 18 DT  B C2     1 
ATOM   552 O O2     . DT  B 2 8  ? 10.012  3.279   -3.110  1.00 0.00 ? 18 DT  B O2     1 
ATOM   553 N N3     . DT  B 2 8  ? 8.510   4.745   -3.918  1.00 0.00 ? 18 DT  B N3     1 
ATOM   554 C C4     . DT  B 2 8  ? 7.857   5.955   -3.972  1.00 0.00 ? 18 DT  B C4     1 
ATOM   555 O O4     . DT  B 2 8  ? 6.940   6.092   -4.779  1.00 0.00 ? 18 DT  B O4     1 
ATOM   556 C C5     . DT  B 2 8  ? 8.331   6.940   -3.003  1.00 0.00 ? 18 DT  B C5     1 
ATOM   557 C C7     . DT  B 2 8  ? 7.688   8.314   -2.942  1.00 0.00 ? 18 DT  B C7     1 
ATOM   558 C C6     . DT  B 2 8  ? 9.337   6.635   -2.140  1.00 0.00 ? 18 DT  B C6     1 
ATOM   559 H "H5'"  . DT  B 2 8  ? 9.610   5.734   2.320   1.00 0.00 ? 18 DT  B "H5'"  1 
ATOM   560 H "H5''" . DT  B 2 8  ? 11.183  6.236   2.959   1.00 0.00 ? 18 DT  B "H5''" 1 
ATOM   561 H "H4'"  . DT  B 2 8  ? 11.540  4.249   1.690   1.00 0.00 ? 18 DT  B "H4'"  1 
ATOM   562 H "H3'"  . DT  B 2 8  ? 12.950  6.559   1.022   1.00 0.00 ? 18 DT  B "H3'"  1 
ATOM   563 H "H2'"  . DT  B 2 8  ? 11.633  7.103   -0.833  1.00 0.00 ? 18 DT  B "H2'"  1 
ATOM   564 H "H2''" . DT  B 2 8  ? 12.837  6.104   -1.668  1.00 0.00 ? 18 DT  B "H2''" 1 
ATOM   565 H "H1'"  . DT  B 2 8  ? 11.521  4.122   -1.494  1.00 0.00 ? 18 DT  B "H1'"  1 
ATOM   566 H H3     . DT  B 2 8  ? 8.206   4.038   -4.578  1.00 0.00 ? 18 DT  B H3     1 
ATOM   567 H H71    . DT  B 2 8  ? 7.857   8.832   -3.885  1.00 0.00 ? 18 DT  B H71    1 
ATOM   568 H H72    . DT  B 2 8  ? 8.110   8.909   -2.132  1.00 0.00 ? 18 DT  B H72    1 
ATOM   569 H H73    . DT  B 2 8  ? 6.614   8.206   -2.785  1.00 0.00 ? 18 DT  B H73    1 
ATOM   570 H H6     . DT  B 2 8  ? 9.649   7.370   -1.410  1.00 0.00 ? 18 DT  B H6     1 
ATOM   571 P P      . DG  B 2 9  ? 14.950  4.803   -0.304  1.00 0.00 ? 19 DG  B P      1 
ATOM   572 O OP1    . DG  B 2 9  ? 15.948  4.012   0.445   1.00 0.00 ? 19 DG  B OP1    1 
ATOM   573 O OP2    . DG  B 2 9  ? 15.203  6.225   -0.617  1.00 0.00 ? 19 DG  B OP2    1 
ATOM   574 O "O5'"  . DG  B 2 9  ? 14.599  4.033   -1.674  1.00 0.00 ? 19 DG  B "O5'"  1 
ATOM   575 C "C5'"  . DG  B 2 9  ? 14.320  2.642   -1.654  1.00 0.00 ? 19 DG  B "C5'"  1 
ATOM   576 C "C4'"  . DG  B 2 9  ? 14.187  2.046   -3.058  1.00 0.00 ? 19 DG  B "C4'"  1 
ATOM   577 O "O4'"  . DG  B 2 9  ? 13.037  2.558   -3.718  1.00 0.00 ? 19 DG  B "O4'"  1 
ATOM   578 C "C3'"  . DG  B 2 9  ? 15.408  2.333   -3.936  1.00 0.00 ? 19 DG  B "C3'"  1 
ATOM   579 O "O3'"  . DG  B 2 9  ? 15.776  1.120   -4.570  1.00 0.00 ? 19 DG  B "O3'"  1 
ATOM   580 C "C2'"  . DG  B 2 9  ? 14.866  3.390   -4.895  1.00 0.00 ? 19 DG  B "C2'"  1 
ATOM   581 C "C1'"  . DG  B 2 9  ? 13.392  2.991   -5.020  1.00 0.00 ? 19 DG  B "C1'"  1 
ATOM   582 N N9     . DG  B 2 9  ? 12.497  4.111   -5.407  1.00 0.00 ? 19 DG  B N9     1 
ATOM   583 C C8     . DG  B 2 9  ? 12.332  5.310   -4.759  1.00 0.00 ? 19 DG  B C8     1 
ATOM   584 N N7     . DG  B 2 9  ? 11.432  6.092   -5.290  1.00 0.00 ? 19 DG  B N7     1 
ATOM   585 C C5     . DG  B 2 9  ? 10.948  5.357   -6.377  1.00 0.00 ? 19 DG  B C5     1 
ATOM   586 C C6     . DG  B 2 9  ? 9.920   5.651   -7.345  1.00 0.00 ? 19 DG  B C6     1 
ATOM   587 O O6     . DG  B 2 9  ? 9.168   6.620   -7.435  1.00 0.00 ? 19 DG  B O6     1 
ATOM   588 N N1     . DG  B 2 9  ? 9.777   4.665   -8.302  1.00 0.00 ? 19 DG  B N1     1 
ATOM   589 C C2     . DG  B 2 9  ? 10.454  3.486   -8.289  1.00 0.00 ? 19 DG  B C2     1 
ATOM   590 N N2     . DG  B 2 9  ? 10.138  2.607   -9.214  1.00 0.00 ? 19 DG  B N2     1 
ATOM   591 N N3     . DG  B 2 9  ? 11.386  3.162   -7.388  1.00 0.00 ? 19 DG  B N3     1 
ATOM   592 C C4     . DG  B 2 9  ? 11.602  4.143   -6.460  1.00 0.00 ? 19 DG  B C4     1 
ATOM   593 H "H5'"  . DG  B 2 9  ? 13.397  2.463   -1.102  1.00 0.00 ? 19 DG  B "H5'"  1 
ATOM   594 H "H5''" . DG  B 2 9  ? 15.135  2.129   -1.140  1.00 0.00 ? 19 DG  B "H5''" 1 
ATOM   595 H "H4'"  . DG  B 2 9  ? 14.081  0.965   -2.957  1.00 0.00 ? 19 DG  B "H4'"  1 
ATOM   596 H "H3'"  . DG  B 2 9  ? 16.243  2.723   -3.345  1.00 0.00 ? 19 DG  B "H3'"  1 
ATOM   597 H "H2'"  . DG  B 2 9  ? 14.963  4.369   -4.424  1.00 0.00 ? 19 DG  B "H2'"  1 
ATOM   598 H "H2''" . DG  B 2 9  ? 15.384  3.373   -5.850  1.00 0.00 ? 19 DG  B "H2''" 1 
ATOM   599 H "H1'"  . DG  B 2 9  ? 13.296  2.164   -5.729  1.00 0.00 ? 19 DG  B "H1'"  1 
ATOM   600 H H8     . DG  B 2 9  ? 12.904  5.564   -3.877  1.00 0.00 ? 19 DG  B H8     1 
ATOM   601 H H1     . DG  B 2 9  ? 9.053   4.807   -8.999  1.00 0.00 ? 19 DG  B H1     1 
ATOM   602 H H21    . DG  B 2 9  ? 9.456   2.817   -9.953  1.00 0.00 ? 19 DG  B H21    1 
ATOM   603 H H22    . DG  B 2 9  ? 10.545  1.697   -9.113  1.00 0.00 ? 19 DG  B H22    1 
ATOM   604 P P      . DT  B 2 10 ? 17.132  0.964   -5.429  1.00 0.00 ? 20 DT  B P      1 
ATOM   605 O OP1    . DT  B 2 10 ? 17.598  -0.434  -5.320  1.00 0.00 ? 20 DT  B OP1    1 
ATOM   606 O OP2    . DT  B 2 10 ? 18.039  2.088   -5.113  1.00 0.00 ? 20 DT  B OP2    1 
ATOM   607 O "O5'"  . DT  B 2 10 ? 16.559  1.190   -6.914  1.00 0.00 ? 20 DT  B "O5'"  1 
ATOM   608 C "C5'"  . DT  B 2 10 ? 15.741  0.211   -7.530  1.00 0.00 ? 20 DT  B "C5'"  1 
ATOM   609 C "C4'"  . DT  B 2 10 ? 15.221  0.694   -8.887  1.00 0.00 ? 20 DT  B "C4'"  1 
ATOM   610 O "O4'"  . DT  B 2 10 ? 14.249  1.706   -8.710  1.00 0.00 ? 20 DT  B "O4'"  1 
ATOM   611 C "C3'"  . DT  B 2 10 ? 16.278  1.334   -9.788  1.00 0.00 ? 20 DT  B "C3'"  1 
ATOM   612 O "O3'"  . DT  B 2 10 ? 17.033  0.387   -10.521 1.00 0.00 ? 20 DT  B "O3'"  1 
ATOM   613 C "C2'"  . DT  B 2 10 ? 15.416  2.174   -10.725 1.00 0.00 ? 20 DT  B "C2'"  1 
ATOM   614 C "C1'"  . DT  B 2 10 ? 14.120  2.402   -9.937  1.00 0.00 ? 20 DT  B "C1'"  1 
ATOM   615 N N1     . DT  B 2 10 ? 13.861  3.846   -9.703  1.00 0.00 ? 20 DT  B N1     1 
ATOM   616 C C2     . DT  B 2 10 ? 13.018  4.498   -10.605 1.00 0.00 ? 20 DT  B C2     1 
ATOM   617 O O2     . DT  B 2 10 ? 12.507  3.952   -11.576 1.00 0.00 ? 20 DT  B O2     1 
ATOM   618 N N3     . DT  B 2 10 ? 12.779  5.830   -10.364 1.00 0.00 ? 20 DT  B N3     1 
ATOM   619 C C4     . DT  B 2 10 ? 13.270  6.569   -9.311  1.00 0.00 ? 20 DT  B C4     1 
ATOM   620 O O4     . DT  B 2 10 ? 12.888  7.729   -9.190  1.00 0.00 ? 20 DT  B O4     1 
ATOM   621 C C5     . DT  B 2 10 ? 14.189  5.843   -8.438  1.00 0.00 ? 20 DT  B C5     1 
ATOM   622 C C7     . DT  B 2 10 ? 14.851  6.545   -7.264  1.00 0.00 ? 20 DT  B C7     1 
ATOM   623 C C6     . DT  B 2 10 ? 14.449  4.526   -8.654  1.00 0.00 ? 20 DT  B C6     1 
ATOM   624 H "H5'"  . DT  B 2 10 ? 14.887  -0.009  -6.886  1.00 0.00 ? 20 DT  B "H5'"  1 
ATOM   625 H "H5''" . DT  B 2 10 ? 16.318  -0.704  -7.666  1.00 0.00 ? 20 DT  B "H5''" 1 
ATOM   626 H "H4'"  . DT  B 2 10 ? 14.766  -0.145  -9.415  1.00 0.00 ? 20 DT  B "H4'"  1 
ATOM   627 H "H3'"  . DT  B 2 10 ? 16.923  1.994   -9.204  1.00 0.00 ? 20 DT  B "H3'"  1 
ATOM   628 H "HO3'" . DT  B 2 10 ? 17.706  0.013   -9.944  1.00 0.00 ? 20 DT  B "HO3'" 1 
ATOM   629 H "H2'"  . DT  B 2 10 ? 15.922  3.106   -10.975 1.00 0.00 ? 20 DT  B "H2'"  1 
ATOM   630 H "H2''" . DT  B 2 10 ? 15.190  1.617   -11.636 1.00 0.00 ? 20 DT  B "H2''" 1 
ATOM   631 H "H1'"  . DT  B 2 10 ? 13.285  1.972   -10.499 1.00 0.00 ? 20 DT  B "H1'"  1 
ATOM   632 H H3     . DT  B 2 10 ? 12.067  6.268   -10.937 1.00 0.00 ? 20 DT  B H3     1 
ATOM   633 H H71    . DT  B 2 10 ? 14.726  7.626   -7.351  1.00 0.00 ? 20 DT  B H71    1 
ATOM   634 H H72    . DT  B 2 10 ? 15.917  6.318   -7.247  1.00 0.00 ? 20 DT  B H72    1 
ATOM   635 H H73    . DT  B 2 10 ? 14.394  6.216   -6.333  1.00 0.00 ? 20 DT  B H73    1 
ATOM   636 H H6     . DT  B 2 10 ? 15.108  3.981   -7.992  1.00 0.00 ? 20 DT  B H6     1 
HETATM 637 C C8A    . AFN C 3 .  ? 0.076   -4.260  0.520   1.00 0.00 ? 11 AFN A C8A    1 
HETATM 638 C C9     . AFN C 3 .  ? -0.263  -3.218  -0.551  1.00 0.00 ? 11 AFN A C9     1 
HETATM 639 O O9     . AFN C 3 .  ? -0.784  -3.879  -1.679  1.00 0.00 ? 11 AFN A O9     1 
HETATM 640 C C9A    . AFN C 3 .  ? 1.080   -2.593  -0.899  1.00 0.00 ? 11 AFN A C9A    1 
HETATM 641 C C9B    . AFN C 3 .  ? 1.501   -1.537  0.060   1.00 0.00 ? 11 AFN A C9B    1 
HETATM 642 O O7     . AFN C 3 .  ? 1.273   -4.799  -0.045  1.00 0.00 ? 11 AFN A O7     1 
HETATM 643 C C6A    . AFN C 3 .  ? 2.064   -3.737  -0.590  1.00 0.00 ? 11 AFN A C6A    1 
HETATM 644 O O6A    . AFN C 3 .  ? 3.019   -3.223  0.362   1.00 0.00 ? 11 AFN A O6A    1 
HETATM 645 C C5A    . AFN C 3 .  ? 2.573   -1.981  0.752   1.00 0.00 ? 11 AFN A C5A    1 
HETATM 646 C C5B    . AFN C 3 .  ? 3.061   -1.234  1.833   1.00 0.00 ? 11 AFN A C5B    1 
HETATM 647 C C4B    . AFN C 3 .  ? 2.399   -0.034  2.186   1.00 0.00 ? 11 AFN A C4B    1 
HETATM 648 O O4     . AFN C 3 .  ? 2.845   0.723   3.211   1.00 0.00 ? 11 AFN A O4     1 
HETATM 649 C CM     . AFN C 3 .  ? 4.113   0.564   3.828   1.00 0.00 ? 11 AFN A CM     1 
HETATM 650 C C4A    . AFN C 3 .  ? 1.240   0.395   1.455   1.00 0.00 ? 11 AFN A C4A    1 
HETATM 651 C C10    . AFN C 3 .  ? 0.847   -0.369  0.366   1.00 0.00 ? 11 AFN A C10    1 
HETATM 652 O O10    . AFN C 3 .  ? -0.247  -0.008  -0.385  1.00 0.00 ? 11 AFN A O10    1 
HETATM 653 C C11    . AFN C 3 .  ? -1.015  1.136   -0.118  1.00 0.00 ? 11 AFN A C11    1 
HETATM 654 O O11    . AFN C 3 .  ? -1.940  1.374   -0.889  1.00 0.00 ? 11 AFN A O11    1 
HETATM 655 C C12    . AFN C 3 .  ? -0.634  1.881   1.038   1.00 0.00 ? 11 AFN A C12    1 
HETATM 656 C C3A    . AFN C 3 .  ? 0.460   1.502   1.784   1.00 0.00 ? 11 AFN A C3A    1 
HETATM 657 C C3     . AFN C 3 .  ? 0.634   2.429   2.955   1.00 0.00 ? 11 AFN A C3     1 
HETATM 658 C C2A    . AFN C 3 .  ? -0.608  3.313   2.915   1.00 0.00 ? 11 AFN A C2A    1 
HETATM 659 C C1     . AFN C 3 .  ? -1.286  3.037   1.572   1.00 0.00 ? 11 AFN A C1     1 
HETATM 660 O O1     . AFN C 3 .  ? -2.223  3.724   1.162   1.00 0.00 ? 11 AFN A O1     1 
HETATM 661 H H8A    . AFN C 3 .  ? -0.756  -4.967  0.559   1.00 0.00 ? 11 AFN A H8A    1 
HETATM 662 H H9     . AFN C 3 .  ? -0.982  -2.493  -0.213  1.00 0.00 ? 11 AFN A H9     1 
HETATM 663 H HO9    . AFN C 3 .  ? -0.078  -4.417  -2.040  1.00 0.00 ? 11 AFN A HO9    1 
HETATM 664 H H9A    . AFN C 3 .  ? 1.134   -2.253  -1.932  1.00 0.00 ? 11 AFN A H9A    1 
HETATM 665 H H6A    . AFN C 3 .  ? 2.584   -4.082  -1.485  1.00 0.00 ? 11 AFN A H6A    1 
HETATM 666 H H5B    . AFN C 3 .  ? 3.912   -1.608  2.382   1.00 0.00 ? 11 AFN A H5B    1 
HETATM 667 H HM1    . AFN C 3 .  ? 4.304   1.410   4.486   1.00 0.00 ? 11 AFN A HM1    1 
HETATM 668 H HM2    . AFN C 3 .  ? 4.895   0.526   3.067   1.00 0.00 ? 11 AFN A HM2    1 
HETATM 669 H HM3    . AFN C 3 .  ? 4.129   -0.356  4.412   1.00 0.00 ? 11 AFN A HM3    1 
HETATM 670 H H31    . AFN C 3 .  ? 0.663   1.878   3.896   1.00 0.00 ? 11 AFN A H31    1 
HETATM 671 H H32    . AFN C 3 .  ? 1.530   3.035   2.829   1.00 0.00 ? 11 AFN A H32    1 
HETATM 672 H H2A1   . AFN C 3 .  ? -1.288  3.037   3.720   1.00 0.00 ? 11 AFN A H2A1   1 
HETATM 673 H H2A2   . AFN C 3 .  ? -0.337  4.359   3.010   1.00 0.00 ? 11 AFN A H2A2   1 
# 
